data_9JR2
#
_entry.id   9JR2
#
_cell.length_a   1.00
_cell.length_b   1.00
_cell.length_c   1.00
_cell.angle_alpha   90.00
_cell.angle_beta   90.00
_cell.angle_gamma   90.00
#
_symmetry.space_group_name_H-M   'P 1'
#
loop_
_entity.id
_entity.type
_entity.pdbx_description
1 polymer 'Guanine nucleotide-binding protein G(q) subunit alpha-1 (miniGq)'
2 polymer 'Guanine nucleotide-binding protein G(I)/G(S)/G(T) subunit beta-1'
3 polymer 'Guanine nucleotide-binding protein G(I)/G(S)/G(O) subunit gamma-2'
4 polymer scFv16
5 polymer 'Parathyroid hormone'
6 polymer 'Parathyroid hormone/parathyroid hormone-related peptide receptor'
7 water water
#
loop_
_entity_poly.entity_id
_entity_poly.type
_entity_poly.pdbx_seq_one_letter_code
_entity_poly.pdbx_strand_id
1 'polypeptide(L)'
;GSTVSAEDKAAAERSKMIDKNLREDGEKARRTLRLLLLGADNSGKSTIVKQMRILHGGSGGSGGTSGIFETKFQVDKVNF
HMFDVGGQRDERRKWIQCFNDVTAIIFVVDSSDYNRLQEALNDFKSIWNNRWLRTISVILFLNKQDLLAEKVLAGKSKIE
DYFPEFARYTTPEDATPEPGEDPRVTRAKYFIRKEFVDISTASGDGRHICYPHFTCAVDTENARRIFNDCKDIILQMNLR
EYNLV
;
A
2 'polypeptide(L)'
;GSQLQSELDQLRQEAEQLKNQIRDARKACADATLSQITNNIDPVGRIQMRTRRTLRGHLAKIYAMHWGTDSRLLVSASQD
GKLIIWDSYTTNKVHAIPLRSSWVMTCAYAPSGNYVACGGLDNICSIYNLKTREGNVRVSRELAGHTGYLSCCRFLDDNQ
IVTSSGDTTCALWDIETGQQTTTFTGHTGDVMSLSLAPDTRLFVSGACDASAKLWDVREGMCRQTFTGHESDINAICFFP
NGNAFATGSDDATCRLFDLRADQELMTYSHDNIICGITSVSFSKSGRLLLAGYDDFNCNVWDALKADRAGVLAGHDNRVS
CLGVTDDGMAVATGSWDSFLKIWN
;
B
3 'polypeptide(L)' ASNNTASIAQARKLVEQLKMEANIDRIKVSKAAADLMAYCEAHAKEDPLLTPVPASENPFREKKFFS G
4 'polypeptide(L)'
;DVQLVESGGGLVQPGGSRKLSCSASGFAFSSFGMHWVRQAPEKGLEWVAYISSGSGTIYYADTVKGRFTISRDDPKNTLF
LQMTSLRSEDTAMYYCVRSIYYYGSSPFDFWGQGTTLTVSSGGGGSGGGGSGGGGSDIVMTQATSSVPVTPGESVSISCR
SSKSLLHSNGNTYLYWFLQRPGQSPQLLIYRMSNLASGVPDRFSGSGSGTAFTLTISRLEAEDVGVYYCMQHLEYPLTFG
AGTKLELKAAAASSEDLYFQ
;
S
5 'polypeptide(L)' SVSEIQLMHNLGKHLNSMERVEWLRKKLQDVHNF(NH2) P
6 'polypeptide(L)'
;DADDVMTKEEQIFLLHRAQAQCEKRLKEVLQRPASIMESDKGWTSASTSGKPRKDKASGKLYPESEEDKEAPTGSRYRGR
PCLPEWDHILCWPLGAPGEVVAVPCPDYIYDFNHKGHAYRRCDRNGSWELVPGHNRTWANYSECVKFLTNETREREVFDR
LGMIYTVGYSVSLASLTVAVLILAYFRRLHCTRNYIHMHLFLSFMLRAVSIFVKDAVLYSGATLDEAERLTEEELRAIAQ
APPPPATAAAGYAGCRVAVTFFLYFLATNYYWILVEGLYLHSLIFMAFFSEKKYLWGFTVFGWGLPAVFVAVWVSVRATL
ANTGCWDLSSGNKKWIIQVPILASIVLNFILFINIVRVLATKLRETNAGRCDTRQQYRKLLKSTLVLMPLFGVHYIVFMA
TPYTEVSGTLWQVQMHYEMLFNSFQGFFVAIIYCFCNGEVQAEIKKSWSRWTLALDFKRKARSGSSSYSYGPMVSHTSVT
NVGPRVGLGLPLSPRLLPTATTNGHPQLPGHAKPGTPALETLETTPPAMAAPKDDGFLNGSCSGLDEEASGPERPPALLQ
EEWETVM
;
R
#
# COMPACT_ATOMS: atom_id res chain seq x y z
N VAL A 4 -21.62 -19.90 0.04
CA VAL A 4 -20.57 -20.46 0.94
C VAL A 4 -21.21 -21.08 2.17
N SER A 5 -20.46 -21.95 2.84
CA SER A 5 -20.97 -22.59 4.05
C SER A 5 -20.88 -21.63 5.24
N ALA A 6 -21.66 -21.94 6.28
CA ALA A 6 -21.61 -21.13 7.49
C ALA A 6 -20.21 -21.13 8.09
N GLU A 7 -19.51 -22.26 8.01
CA GLU A 7 -18.14 -22.33 8.50
C GLU A 7 -17.24 -21.36 7.73
N ASP A 8 -17.38 -21.33 6.41
CA ASP A 8 -16.60 -20.39 5.61
C ASP A 8 -16.97 -18.95 5.88
N LYS A 9 -18.25 -18.68 6.14
CA LYS A 9 -18.67 -17.33 6.49
C LYS A 9 -18.03 -16.89 7.80
N ALA A 10 -18.01 -17.76 8.80
CA ALA A 10 -17.35 -17.44 10.05
C ALA A 10 -15.84 -17.25 9.85
N ALA A 11 -15.23 -18.07 9.00
CA ALA A 11 -13.81 -17.91 8.71
C ALA A 11 -13.54 -16.56 8.06
N ALA A 12 -14.39 -16.16 7.11
CA ALA A 12 -14.21 -14.86 6.47
C ALA A 12 -14.41 -13.72 7.45
N GLU A 13 -15.36 -13.87 8.38
CA GLU A 13 -15.52 -12.86 9.42
C GLU A 13 -14.27 -12.75 10.29
N ARG A 14 -13.68 -13.89 10.65
CA ARG A 14 -12.43 -13.87 11.42
C ARG A 14 -11.32 -13.19 10.62
N SER A 15 -11.25 -13.47 9.31
CA SER A 15 -10.25 -12.82 8.48
C SER A 15 -10.46 -11.31 8.44
N LYS A 16 -11.72 -10.86 8.38
CA LYS A 16 -12.01 -9.43 8.40
C LYS A 16 -11.60 -8.79 9.72
N MET A 17 -11.84 -9.47 10.84
CA MET A 17 -11.36 -8.94 12.12
C MET A 17 -9.84 -8.84 12.14
N ILE A 18 -9.15 -9.85 11.59
CA ILE A 18 -7.70 -9.80 11.53
C ILE A 18 -7.25 -8.62 10.68
N ASP A 19 -7.91 -8.39 9.55
CA ASP A 19 -7.57 -7.26 8.69
C ASP A 19 -7.76 -5.94 9.43
N LYS A 20 -8.84 -5.83 10.20
CA LYS A 20 -9.07 -4.61 10.98
C LYS A 20 -7.94 -4.40 11.99
N ASN A 21 -7.53 -5.48 12.67
CA ASN A 21 -6.44 -5.36 13.64
C ASN A 21 -5.14 -4.96 12.95
N LEU A 22 -4.86 -5.52 11.78
CA LEU A 22 -3.64 -5.16 11.06
C LEU A 22 -3.65 -3.69 10.66
N ARG A 23 -4.81 -3.22 10.18
CA ARG A 23 -4.92 -1.81 9.83
C ARG A 23 -4.68 -0.92 11.05
N GLU A 24 -5.25 -1.31 12.19
CA GLU A 24 -5.05 -0.51 13.41
C GLU A 24 -3.57 -0.45 13.79
N ASP A 25 -2.90 -1.61 13.75
CA ASP A 25 -1.48 -1.64 14.12
C ASP A 25 -0.65 -0.79 13.17
N GLY A 26 -0.91 -0.91 11.87
CA GLY A 26 -0.17 -0.09 10.92
C GLY A 26 -0.42 1.39 11.12
N GLU A 27 -1.66 1.78 11.38
CA GLU A 27 -1.98 3.18 11.64
C GLU A 27 -1.22 3.69 12.85
N LYS A 28 -1.14 2.87 13.91
CA LYS A 28 -0.37 3.27 15.08
C LYS A 28 1.11 3.40 14.77
N ALA A 29 1.66 2.49 13.96
CA ALA A 29 3.11 2.43 13.76
C ALA A 29 3.62 3.30 12.62
N ARG A 30 2.75 3.92 11.84
CA ARG A 30 3.19 4.64 10.65
C ARG A 30 4.03 5.87 10.97
N ARG A 31 3.78 6.54 12.09
CA ARG A 31 4.34 7.88 12.30
C ARG A 31 5.83 7.87 12.63
N THR A 32 6.36 6.77 13.18
CA THR A 32 7.72 6.77 13.69
C THR A 32 8.73 6.94 12.56
N LEU A 33 9.86 7.59 12.88
CA LEU A 33 10.99 7.76 11.96
C LEU A 33 12.12 6.85 12.40
N ARG A 34 12.66 6.08 11.47
CA ARG A 34 13.71 5.13 11.78
C ARG A 34 15.09 5.74 11.52
N LEU A 35 16.09 5.22 12.22
CA LEU A 35 17.47 5.67 12.09
C LEU A 35 18.40 4.49 12.29
N LEU A 36 19.49 4.43 11.52
CA LEU A 36 20.47 3.36 11.64
C LEU A 36 21.77 3.92 12.18
N LEU A 37 22.26 3.33 13.27
CA LEU A 37 23.47 3.82 13.94
C LEU A 37 24.65 2.96 13.51
N LEU A 38 25.62 3.58 12.84
CA LEU A 38 26.84 2.90 12.40
C LEU A 38 28.07 3.57 12.97
N GLY A 39 29.16 2.82 12.99
CA GLY A 39 30.40 3.30 13.57
C GLY A 39 31.33 2.13 13.87
N ALA A 40 32.15 2.32 14.90
CA ALA A 40 33.10 1.31 15.34
C ALA A 40 33.36 1.50 16.83
N ASP A 41 34.25 0.68 17.37
CA ASP A 41 34.60 0.77 18.78
C ASP A 41 35.30 2.10 19.05
N ASN A 42 35.58 2.33 20.34
CA ASN A 42 36.28 3.52 20.82
C ASN A 42 35.81 4.79 20.10
N SER A 43 34.51 4.86 19.80
CA SER A 43 33.94 5.99 19.09
C SER A 43 32.70 6.57 19.77
N GLY A 44 32.30 6.05 20.93
CA GLY A 44 31.09 6.53 21.56
C GLY A 44 29.83 6.27 20.76
N LYS A 45 29.87 5.29 19.85
CA LYS A 45 28.71 4.99 19.00
C LYS A 45 27.46 4.80 19.85
N SER A 46 27.55 3.97 20.88
CA SER A 46 26.40 3.66 21.72
C SER A 46 26.20 4.69 22.84
N THR A 47 27.05 5.70 22.92
CA THR A 47 26.99 6.71 23.98
C THR A 47 26.62 8.08 23.43
N ILE A 48 25.69 8.12 22.47
CA ILE A 48 25.29 9.37 21.84
C ILE A 48 24.04 9.95 22.50
N VAL A 49 23.03 9.11 22.75
CA VAL A 49 21.75 9.56 23.29
C VAL A 49 21.52 8.88 24.62
N LYS A 50 20.82 9.59 25.51
CA LYS A 50 20.50 9.07 26.84
C LYS A 50 19.00 9.06 27.07
N GLY A 67 21.75 -9.01 19.54
CA GLY A 67 20.97 -8.85 18.32
C GLY A 67 20.88 -7.41 17.88
N ILE A 68 19.80 -6.74 18.27
CA ILE A 68 19.55 -5.35 17.92
C ILE A 68 19.26 -4.59 19.20
N PHE A 69 20.03 -3.52 19.46
CA PHE A 69 19.82 -2.68 20.63
C PHE A 69 19.01 -1.44 20.21
N GLU A 70 17.76 -1.69 19.86
CA GLU A 70 16.88 -0.62 19.41
C GLU A 70 16.54 0.32 20.57
N THR A 71 16.53 1.61 20.29
CA THR A 71 16.19 2.64 21.28
C THR A 71 15.14 3.56 20.69
N LYS A 72 14.27 4.09 21.55
CA LYS A 72 13.19 4.98 21.14
C LYS A 72 13.30 6.29 21.91
N PHE A 73 13.22 7.41 21.19
CA PHE A 73 13.28 8.71 21.84
C PHE A 73 12.50 9.73 21.03
N GLN A 74 11.91 10.71 21.73
CA GLN A 74 11.00 11.66 21.12
C GLN A 74 11.54 13.07 21.27
N VAL A 75 11.33 13.87 20.22
CA VAL A 75 11.66 15.30 20.24
C VAL A 75 10.62 16.04 19.43
N ASP A 76 10.03 17.09 20.01
CA ASP A 76 9.04 17.92 19.33
C ASP A 76 7.89 17.07 18.80
N LYS A 77 7.44 16.12 19.61
CA LYS A 77 6.33 15.23 19.28
C LYS A 77 6.64 14.35 18.07
N VAL A 78 7.92 14.15 17.76
CA VAL A 78 8.36 13.29 16.67
C VAL A 78 9.16 12.15 17.28
N ASN A 79 8.78 10.92 16.95
CA ASN A 79 9.36 9.73 17.55
C ASN A 79 10.42 9.13 16.64
N PHE A 80 11.56 8.78 17.23
CA PHE A 80 12.71 8.26 16.50
C PHE A 80 13.08 6.90 17.08
N HIS A 81 13.31 5.94 16.18
CA HIS A 81 13.67 4.58 16.53
C HIS A 81 15.07 4.32 15.96
N MET A 82 16.08 4.36 16.82
CA MET A 82 17.46 4.15 16.42
C MET A 82 17.82 2.67 16.59
N PHE A 83 18.50 2.13 15.59
CA PHE A 83 18.80 0.71 15.54
C PHE A 83 20.31 0.51 15.43
N ASP A 84 20.87 -0.27 16.36
CA ASP A 84 22.27 -0.62 16.38
C ASP A 84 22.40 -2.13 16.23
N VAL A 85 23.17 -2.57 15.25
CA VAL A 85 23.26 -3.98 14.88
C VAL A 85 24.63 -4.52 15.26
N GLY A 86 24.70 -5.84 15.44
CA GLY A 86 25.94 -6.50 15.78
C GLY A 86 25.75 -7.96 16.13
N ARG A 93 29.37 -5.72 4.12
CA ARG A 93 28.48 -5.62 5.29
C ARG A 93 27.03 -5.86 4.90
N LYS A 94 26.67 -7.12 4.68
CA LYS A 94 25.26 -7.46 4.45
C LYS A 94 24.44 -7.11 5.68
N TRP A 95 23.12 -7.29 5.57
CA TRP A 95 22.10 -6.85 6.53
C TRP A 95 21.93 -5.34 6.46
N ILE A 96 22.83 -4.63 5.76
CA ILE A 96 22.60 -3.22 5.54
C ILE A 96 21.39 -3.04 4.64
N GLN A 97 21.02 -4.08 3.90
CA GLN A 97 19.81 -4.03 3.09
C GLN A 97 18.58 -3.80 3.96
N CYS A 98 18.64 -4.24 5.22
CA CYS A 98 17.48 -4.10 6.09
C CYS A 98 17.10 -2.63 6.27
N PHE A 99 18.10 -1.77 6.42
CA PHE A 99 17.89 -0.35 6.65
C PHE A 99 17.98 0.43 5.33
N ASN A 100 17.13 0.07 4.39
CA ASN A 100 17.12 0.67 3.07
C ASN A 100 16.19 1.87 2.95
N ASP A 101 15.09 1.89 3.70
CA ASP A 101 14.12 2.96 3.67
C ASP A 101 14.14 3.72 4.99
N VAL A 102 15.32 3.88 5.56
CA VAL A 102 15.47 4.54 6.84
C VAL A 102 15.67 6.04 6.63
N THR A 103 15.26 6.83 7.62
CA THR A 103 15.36 8.28 7.50
C THR A 103 16.81 8.73 7.36
N ALA A 104 17.69 8.20 8.20
CA ALA A 104 19.09 8.62 8.17
C ALA A 104 19.98 7.58 8.82
N ILE A 105 21.27 7.71 8.52
CA ILE A 105 22.32 6.89 9.10
C ILE A 105 23.21 7.80 9.94
N ILE A 106 23.27 7.53 11.23
CA ILE A 106 24.13 8.26 12.16
C ILE A 106 25.44 7.51 12.20
N PHE A 107 26.44 8.01 11.47
CA PHE A 107 27.75 7.38 11.36
C PHE A 107 28.71 8.11 12.29
N VAL A 108 29.04 7.48 13.41
CA VAL A 108 29.91 8.08 14.42
C VAL A 108 31.34 7.68 14.13
N VAL A 109 32.26 8.62 14.27
CA VAL A 109 33.68 8.40 14.03
C VAL A 109 34.47 9.00 15.18
N ASP A 110 35.63 8.41 15.46
CA ASP A 110 36.53 8.91 16.49
C ASP A 110 37.64 9.71 15.82
N SER A 111 37.75 10.98 16.17
CA SER A 111 38.74 11.89 15.59
C SER A 111 39.74 12.33 16.65
N SER A 112 39.96 11.49 17.65
CA SER A 112 40.99 11.72 18.67
C SER A 112 42.25 10.90 18.44
N ASP A 113 42.12 9.68 17.95
CA ASP A 113 43.25 8.84 17.59
C ASP A 113 43.41 8.87 16.08
N TYR A 114 44.60 9.21 15.62
CA TYR A 114 44.83 9.50 14.21
C TYR A 114 45.27 8.28 13.40
N ASN A 115 45.78 7.24 14.04
CA ASN A 115 46.23 6.07 13.30
C ASN A 115 45.07 5.41 12.57
N ARG A 116 43.92 5.28 13.23
CA ARG A 116 42.73 4.68 12.63
C ARG A 116 41.83 5.72 11.97
N LEU A 117 42.28 6.98 11.89
CA LEU A 117 41.49 7.99 11.19
C LEU A 117 41.30 7.62 9.73
N GLN A 118 42.33 7.07 9.08
CA GLN A 118 42.19 6.59 7.72
C GLN A 118 41.25 5.40 7.63
N GLU A 119 41.25 4.53 8.65
CA GLU A 119 40.30 3.42 8.66
C GLU A 119 38.87 3.95 8.72
N ALA A 120 38.63 4.96 9.56
CA ALA A 120 37.31 5.57 9.63
C ALA A 120 36.94 6.27 8.32
N LEU A 121 37.92 6.91 7.67
CA LEU A 121 37.66 7.52 6.37
C LEU A 121 37.26 6.47 5.33
N ASN A 122 37.96 5.34 5.32
CA ASN A 122 37.60 4.27 4.39
C ASN A 122 36.23 3.68 4.71
N ASP A 123 35.92 3.52 5.99
CA ASP A 123 34.59 3.04 6.38
C ASP A 123 33.50 4.01 5.93
N PHE A 124 33.74 5.31 6.12
CA PHE A 124 32.80 6.32 5.65
C PHE A 124 32.65 6.26 4.14
N LYS A 125 33.74 6.08 3.42
CA LYS A 125 33.67 5.94 1.97
C LYS A 125 32.81 4.75 1.58
N SER A 126 33.05 3.60 2.22
CA SER A 126 32.30 2.39 1.88
C SER A 126 30.81 2.56 2.17
N ILE A 127 30.48 3.17 3.30
CA ILE A 127 29.07 3.37 3.65
C ILE A 127 28.42 4.42 2.76
N TRP A 128 29.15 5.48 2.40
CA TRP A 128 28.64 6.55 1.57
C TRP A 128 28.40 6.12 0.14
N ASN A 129 29.26 5.27 -0.40
CA ASN A 129 29.08 4.71 -1.74
C ASN A 129 28.28 3.43 -1.74
N ASN A 130 27.76 3.00 -0.58
CA ASN A 130 26.99 1.78 -0.50
C ASN A 130 25.80 1.83 -1.45
N ARG A 131 25.67 0.80 -2.28
CA ARG A 131 24.63 0.79 -3.30
C ARG A 131 23.25 0.92 -2.67
N TRP A 132 23.01 0.22 -1.57
CA TRP A 132 21.69 0.25 -0.93
C TRP A 132 21.41 1.61 -0.32
N LEU A 133 22.43 2.42 -0.09
CA LEU A 133 22.32 3.65 0.68
C LEU A 133 22.64 4.88 -0.15
N ARG A 134 22.26 4.86 -1.44
CA ARG A 134 22.56 5.98 -2.31
C ARG A 134 21.72 7.21 -1.98
N THR A 135 20.50 7.00 -1.48
CA THR A 135 19.58 8.09 -1.18
C THR A 135 19.47 8.39 0.31
N ILE A 136 20.31 7.76 1.14
CA ILE A 136 20.23 7.93 2.59
C ILE A 136 21.29 8.93 3.01
N SER A 137 20.85 10.06 3.57
CA SER A 137 21.77 11.07 4.03
C SER A 137 22.39 10.65 5.36
N VAL A 138 23.71 10.81 5.46
CA VAL A 138 24.47 10.37 6.62
C VAL A 138 24.69 11.58 7.53
N ILE A 139 24.28 11.43 8.79
CA ILE A 139 24.55 12.43 9.82
C ILE A 139 25.89 12.02 10.44
N LEU A 140 26.98 12.51 9.84
CA LEU A 140 28.31 12.13 10.27
C LEU A 140 28.67 12.83 11.57
N PHE A 141 29.16 12.05 12.53
CA PHE A 141 29.53 12.56 13.86
C PHE A 141 31.01 12.34 14.08
N LEU A 142 31.70 13.39 14.52
CA LEU A 142 33.10 13.30 14.91
C LEU A 142 33.18 13.45 16.42
N ASN A 143 33.48 12.36 17.11
CA ASN A 143 33.37 12.30 18.57
C ASN A 143 34.70 12.65 19.23
N LYS A 144 34.61 12.93 20.53
CA LYS A 144 35.78 13.15 21.38
C LYS A 144 36.72 14.19 20.77
N GLN A 145 36.13 15.31 20.36
CA GLN A 145 36.94 16.44 19.90
C GLN A 145 37.75 17.06 21.03
N ASP A 146 37.33 16.89 22.27
CA ASP A 146 38.12 17.40 23.40
C ASP A 146 39.46 16.71 23.47
N LEU A 147 39.49 15.38 23.27
CA LEU A 147 40.76 14.66 23.25
C LEU A 147 41.64 15.13 22.11
N LEU A 148 41.04 15.39 20.94
CA LEU A 148 41.81 15.90 19.81
C LEU A 148 42.42 17.25 20.13
N ALA A 149 41.64 18.15 20.75
CA ALA A 149 42.17 19.45 21.13
C ALA A 149 43.30 19.31 22.15
N GLU A 150 43.13 18.43 23.14
CA GLU A 150 44.17 18.22 24.14
C GLU A 150 45.44 17.68 23.49
N LYS A 151 45.30 16.75 22.54
CA LYS A 151 46.46 16.23 21.83
C LYS A 151 47.15 17.31 21.01
N VAL A 152 46.36 18.18 20.38
CA VAL A 152 46.93 19.29 19.61
C VAL A 152 47.74 20.19 20.54
N LEU A 153 47.19 20.51 21.71
CA LEU A 153 47.91 21.33 22.67
C LEU A 153 49.19 20.64 23.13
N ALA A 154 49.13 19.34 23.41
CA ALA A 154 50.30 18.62 23.89
C ALA A 154 51.40 18.60 22.83
N GLY A 155 51.03 18.35 21.58
CA GLY A 155 52.00 18.27 20.50
C GLY A 155 52.71 16.94 20.39
N LYS A 156 52.31 15.94 21.18
CA LYS A 156 52.97 14.63 21.10
C LYS A 156 52.77 13.98 19.74
N SER A 157 51.56 14.07 19.17
CA SER A 157 51.24 13.47 17.89
C SER A 157 50.75 14.55 16.95
N LYS A 158 51.26 14.55 15.71
CA LYS A 158 50.92 15.53 14.70
C LYS A 158 50.18 14.84 13.56
N ILE A 159 49.05 15.41 13.16
CA ILE A 159 48.26 14.80 12.09
C ILE A 159 49.06 14.74 10.80
N GLU A 160 50.00 15.68 10.61
CA GLU A 160 50.83 15.63 9.41
C GLU A 160 51.58 14.31 9.30
N ASP A 161 51.96 13.72 10.43
CA ASP A 161 52.65 12.43 10.39
C ASP A 161 51.78 11.34 9.79
N TYR A 162 50.46 11.46 9.92
CA TYR A 162 49.53 10.50 9.35
C TYR A 162 48.86 10.99 8.08
N PHE A 163 48.77 12.31 7.87
CA PHE A 163 48.23 12.89 6.65
C PHE A 163 49.13 14.04 6.24
N PRO A 164 50.09 13.80 5.34
CA PRO A 164 51.05 14.87 5.00
C PRO A 164 50.40 16.17 4.53
N GLU A 165 49.27 16.08 3.82
CA GLU A 165 48.63 17.28 3.31
C GLU A 165 48.26 18.24 4.44
N PHE A 166 48.12 17.74 5.67
CA PHE A 166 47.85 18.63 6.80
C PHE A 166 48.89 19.74 6.89
N ALA A 167 50.17 19.39 6.67
CA ALA A 167 51.23 20.39 6.74
C ALA A 167 50.96 21.53 5.76
N ARG A 168 50.33 21.23 4.62
CA ARG A 168 50.00 22.23 3.62
C ARG A 168 48.54 22.69 3.72
N TYR A 169 47.98 22.71 4.93
CA TYR A 169 46.59 23.10 5.13
C TYR A 169 46.51 24.30 6.07
N THR A 170 45.57 25.18 5.79
CA THR A 170 45.30 26.35 6.62
C THR A 170 43.80 26.53 6.76
N THR A 171 43.38 27.02 7.93
CA THR A 171 41.96 27.19 8.19
C THR A 171 41.39 28.32 7.33
N PRO A 172 40.14 28.21 6.89
CA PRO A 172 39.53 29.31 6.14
C PRO A 172 39.46 30.59 6.96
N GLU A 173 39.64 31.72 6.30
CA GLU A 173 39.66 33.00 7.01
C GLU A 173 38.27 33.36 7.55
N ASP A 174 37.25 33.26 6.70
CA ASP A 174 35.92 33.74 7.03
C ASP A 174 34.96 32.65 7.50
N ALA A 175 35.43 31.40 7.61
CA ALA A 175 34.55 30.31 7.98
C ALA A 175 35.04 29.59 9.22
N THR A 176 35.39 30.35 10.27
CA THR A 176 35.89 29.76 11.50
C THR A 176 35.12 30.30 12.70
N PRO A 177 33.85 29.90 12.88
CA PRO A 177 33.12 30.30 14.10
C PRO A 177 33.47 29.43 15.29
N GLU A 178 34.18 29.98 16.26
CA GLU A 178 34.62 29.27 17.45
C GLU A 178 34.29 30.08 18.69
N PRO A 179 34.22 29.44 19.86
CA PRO A 179 33.95 30.17 21.10
C PRO A 179 35.20 30.73 21.80
N GLY A 180 36.34 30.80 21.12
CA GLY A 180 37.57 31.26 21.71
C GLY A 180 38.58 30.16 21.89
N GLU A 181 38.60 29.22 20.95
CA GLU A 181 39.47 28.06 21.01
C GLU A 181 40.79 28.36 20.32
N ASP A 182 41.64 27.34 20.18
CA ASP A 182 42.97 27.55 19.63
C ASP A 182 42.94 27.46 18.11
N PRO A 183 43.69 28.32 17.41
CA PRO A 183 43.76 28.19 15.95
C PRO A 183 44.31 26.85 15.50
N ARG A 184 45.25 26.26 16.24
CA ARG A 184 45.75 24.94 15.89
C ARG A 184 44.64 23.90 15.94
N VAL A 185 43.86 23.92 17.02
CA VAL A 185 42.77 22.96 17.16
C VAL A 185 41.75 23.15 16.05
N THR A 186 41.39 24.42 15.78
CA THR A 186 40.43 24.68 14.72
C THR A 186 40.95 24.20 13.37
N ARG A 187 42.23 24.43 13.09
CA ARG A 187 42.81 24.03 11.82
C ARG A 187 42.79 22.52 11.67
N ALA A 188 43.17 21.78 12.71
CA ALA A 188 43.15 20.32 12.64
C ALA A 188 41.74 19.80 12.47
N LYS A 189 40.79 20.33 13.25
CA LYS A 189 39.40 19.89 13.14
C LYS A 189 38.87 20.13 11.74
N TYR A 190 39.16 21.31 11.19
CA TYR A 190 38.67 21.64 9.86
C TYR A 190 39.35 20.79 8.79
N PHE A 191 40.61 20.42 8.99
CA PHE A 191 41.26 19.52 8.05
C PHE A 191 40.57 18.16 8.02
N ILE A 192 40.31 17.58 9.20
CA ILE A 192 39.64 16.28 9.24
C ILE A 192 38.23 16.39 8.66
N ARG A 193 37.51 17.45 9.01
CA ARG A 193 36.17 17.64 8.46
C ARG A 193 36.20 17.81 6.95
N LYS A 194 37.22 18.51 6.43
CA LYS A 194 37.34 18.67 4.99
C LYS A 194 37.59 17.33 4.31
N GLU A 195 38.48 16.51 4.89
CA GLU A 195 38.70 15.18 4.34
C GLU A 195 37.38 14.40 4.27
N PHE A 196 36.65 14.35 5.37
CA PHE A 196 35.40 13.60 5.37
C PHE A 196 34.38 14.19 4.40
N VAL A 197 34.28 15.52 4.36
CA VAL A 197 33.26 16.18 3.56
C VAL A 197 33.56 16.03 2.07
N ASP A 198 34.82 16.15 1.66
CA ASP A 198 35.12 16.00 0.24
C ASP A 198 35.18 14.53 -0.16
N ILE A 199 35.27 13.62 0.80
CA ILE A 199 34.92 12.23 0.50
C ILE A 199 33.42 12.13 0.24
N SER A 200 32.60 12.82 1.03
CA SER A 200 31.16 12.76 0.87
C SER A 200 30.74 13.32 -0.49
N THR A 201 31.29 14.46 -0.88
CA THR A 201 30.91 15.15 -2.11
C THR A 201 31.72 14.71 -3.31
N ALA A 202 32.61 13.72 -3.16
CA ALA A 202 33.37 13.23 -4.31
C ALA A 202 32.42 12.83 -5.44
N SER A 203 31.38 12.06 -5.10
CA SER A 203 30.32 11.77 -6.08
C SER A 203 29.04 11.52 -5.27
N GLY A 204 28.20 12.54 -5.19
CA GLY A 204 26.94 12.44 -4.46
C GLY A 204 25.74 12.69 -5.34
N ASP A 205 25.91 13.48 -6.39
CA ASP A 205 24.87 13.83 -7.36
C ASP A 205 23.73 14.63 -6.75
N GLY A 206 23.85 15.03 -5.49
CA GLY A 206 22.82 15.80 -4.83
C GLY A 206 21.63 15.00 -4.34
N ARG A 207 21.63 13.68 -4.52
CA ARG A 207 20.52 12.86 -4.05
C ARG A 207 20.55 12.64 -2.55
N HIS A 208 21.72 12.80 -1.92
CA HIS A 208 21.83 12.76 -0.47
C HIS A 208 23.00 13.63 -0.06
N ILE A 209 22.98 14.08 1.20
CA ILE A 209 23.97 15.00 1.72
C ILE A 209 24.57 14.42 2.99
N CYS A 210 25.81 14.80 3.26
CA CYS A 210 26.49 14.49 4.51
C CYS A 210 26.36 15.68 5.44
N TYR A 211 25.90 15.43 6.66
CA TYR A 211 25.77 16.48 7.66
C TYR A 211 26.84 16.29 8.72
N PRO A 212 27.91 17.08 8.73
CA PRO A 212 28.96 16.89 9.74
C PRO A 212 28.64 17.64 11.02
N HIS A 213 29.08 17.06 12.15
CA HIS A 213 28.86 17.67 13.45
C HIS A 213 30.02 17.27 14.36
N PHE A 214 30.06 17.88 15.54
CA PHE A 214 31.07 17.60 16.55
C PHE A 214 30.39 17.21 17.85
N THR A 215 30.92 16.17 18.49
CA THR A 215 30.42 15.70 19.78
C THR A 215 31.59 15.44 20.71
N CYS A 216 31.42 15.78 21.98
CA CYS A 216 32.46 15.59 22.99
C CYS A 216 32.01 14.66 24.11
N ALA A 217 30.98 13.85 23.89
CA ALA A 217 30.41 12.92 24.86
C ALA A 217 29.67 13.63 25.98
N VAL A 218 29.66 14.96 26.00
CA VAL A 218 28.97 15.72 27.04
C VAL A 218 27.92 16.61 26.37
N ASP A 219 28.10 16.90 25.08
CA ASP A 219 27.16 17.74 24.35
C ASP A 219 25.83 17.02 24.26
N THR A 220 24.84 17.51 25.00
CA THR A 220 23.50 16.92 25.00
C THR A 220 22.64 17.45 23.87
N GLU A 221 23.16 18.37 23.06
CA GLU A 221 22.43 18.90 21.91
C GLU A 221 22.68 18.06 20.66
N ASN A 222 22.48 16.75 20.80
CA ASN A 222 22.62 15.81 19.70
C ASN A 222 21.29 15.41 19.10
N ALA A 223 20.28 15.16 19.93
CA ALA A 223 18.94 14.89 19.42
C ALA A 223 18.43 16.05 18.59
N ARG A 224 18.73 17.28 19.02
CA ARG A 224 18.33 18.45 18.25
C ARG A 224 19.00 18.46 16.87
N ARG A 225 20.29 18.13 16.82
CA ARG A 225 20.99 18.07 15.53
C ARG A 225 20.36 17.02 14.63
N ILE A 226 20.07 15.84 15.18
CA ILE A 226 19.50 14.76 14.38
C ILE A 226 18.12 15.17 13.89
N PHE A 227 17.33 15.83 14.75
CA PHE A 227 16.00 16.28 14.34
C PHE A 227 16.08 17.30 13.21
N ASN A 228 16.98 18.28 13.35
CA ASN A 228 17.12 19.28 12.30
C ASN A 228 17.58 18.66 11.00
N ASP A 229 18.53 17.73 11.06
CA ASP A 229 19.02 17.09 9.85
C ASP A 229 17.97 16.20 9.20
N CYS A 230 17.14 15.51 9.99
CA CYS A 230 16.04 14.74 9.42
C CYS A 230 15.00 15.65 8.78
N LYS A 231 14.70 16.78 9.42
CA LYS A 231 13.81 17.76 8.80
C LYS A 231 14.37 18.26 7.48
N ASP A 232 15.67 18.54 7.45
CA ASP A 232 16.32 18.97 6.22
C ASP A 232 16.25 17.88 5.15
N ILE A 233 16.44 16.63 5.54
CA ILE A 233 16.39 15.53 4.59
C ILE A 233 14.98 15.42 3.99
N ILE A 234 13.96 15.48 4.84
CA ILE A 234 12.58 15.40 4.35
C ILE A 234 12.28 16.58 3.44
N LEU A 235 12.73 17.78 3.84
CA LEU A 235 12.51 18.97 3.03
C LEU A 235 13.18 18.84 1.67
N GLN A 236 14.41 18.32 1.65
CA GLN A 236 15.11 18.14 0.38
C GLN A 236 14.40 17.12 -0.50
N MET A 237 13.89 16.04 0.09
CA MET A 237 13.12 15.07 -0.69
C MET A 237 11.87 15.71 -1.27
N ASN A 238 11.17 16.52 -0.48
CA ASN A 238 9.98 17.20 -0.98
C ASN A 238 10.31 18.14 -2.12
N LEU A 239 11.37 18.94 -1.96
CA LEU A 239 11.77 19.85 -3.02
C LEU A 239 12.15 19.10 -4.28
N ARG A 240 12.89 18.00 -4.13
CA ARG A 240 13.25 17.19 -5.29
C ARG A 240 12.01 16.62 -5.96
N GLU A 241 10.99 16.26 -5.18
CA GLU A 241 9.73 15.83 -5.78
C GLU A 241 9.08 16.96 -6.56
N TYR A 242 9.13 18.18 -6.03
CA TYR A 242 8.60 19.35 -6.72
C TYR A 242 9.58 19.95 -7.72
N ASN A 243 10.79 19.40 -7.85
CA ASN A 243 11.84 19.87 -8.74
C ASN A 243 12.37 21.23 -8.33
N LEU A 244 11.97 21.76 -7.18
CA LEU A 244 12.44 23.08 -6.76
C LEU A 244 13.94 23.06 -6.50
N VAL A 245 14.50 21.90 -6.21
CA VAL A 245 15.93 21.76 -6.00
C VAL A 245 16.39 20.37 -6.43
N LEU B 8 54.45 -23.83 10.42
CA LEU B 8 53.37 -22.99 9.83
C LEU B 8 53.50 -22.92 8.31
N ASP B 9 54.71 -22.65 7.84
CA ASP B 9 54.96 -22.61 6.41
C ASP B 9 54.70 -23.97 5.76
N GLN B 10 55.13 -25.04 6.42
CA GLN B 10 54.87 -26.38 5.90
C GLN B 10 53.38 -26.67 5.84
N LEU B 11 52.63 -26.24 6.87
CA LEU B 11 51.20 -26.45 6.88
C LEU B 11 50.53 -25.71 5.71
N ARG B 12 50.94 -24.46 5.47
CA ARG B 12 50.38 -23.71 4.36
C ARG B 12 50.73 -24.35 3.02
N GLN B 13 51.97 -24.82 2.88
CA GLN B 13 52.36 -25.49 1.65
C GLN B 13 51.54 -26.75 1.41
N GLU B 14 51.31 -27.53 2.47
CA GLU B 14 50.49 -28.73 2.35
C GLU B 14 49.05 -28.37 2.01
N ALA B 15 48.51 -27.31 2.60
CA ALA B 15 47.16 -26.88 2.28
C ALA B 15 47.04 -26.49 0.82
N GLU B 16 48.01 -25.73 0.31
CA GLU B 16 48.01 -25.36 -1.10
C GLU B 16 48.14 -26.59 -2.00
N GLN B 17 48.99 -27.54 -1.63
CA GLN B 17 49.14 -28.76 -2.42
C GLN B 17 47.84 -29.54 -2.46
N LEU B 18 47.15 -29.66 -1.32
CA LEU B 18 45.88 -30.37 -1.29
C LEU B 18 44.82 -29.64 -2.10
N LYS B 19 44.81 -28.31 -2.05
CA LYS B 19 43.86 -27.55 -2.87
C LYS B 19 44.12 -27.78 -4.35
N ASN B 20 45.40 -27.79 -4.75
CA ASN B 20 45.73 -28.07 -6.15
C ASN B 20 45.31 -29.49 -6.53
N GLN B 21 45.52 -30.45 -5.64
CA GLN B 21 45.09 -31.82 -5.91
C GLN B 21 43.58 -31.90 -6.09
N ILE B 22 42.83 -31.20 -5.23
CA ILE B 22 41.38 -31.19 -5.34
C ILE B 22 40.97 -30.60 -6.68
N ARG B 23 41.56 -29.46 -7.05
CA ARG B 23 41.23 -28.82 -8.32
C ARG B 23 41.53 -29.74 -9.50
N ASP B 24 42.69 -30.40 -9.47
CA ASP B 24 43.03 -31.30 -10.57
C ASP B 24 42.09 -32.50 -10.64
N ALA B 25 41.76 -33.09 -9.49
CA ALA B 25 40.87 -34.25 -9.48
C ALA B 25 39.49 -33.88 -9.98
N ARG B 26 38.94 -32.76 -9.53
CA ARG B 26 37.62 -32.34 -9.97
C ARG B 26 37.64 -31.75 -11.37
N LYS B 27 38.80 -31.37 -11.89
CA LYS B 27 38.92 -30.94 -13.28
C LYS B 27 38.88 -32.10 -14.26
N ALA B 28 39.48 -33.24 -13.91
CA ALA B 28 39.48 -34.39 -14.80
C ALA B 28 38.09 -35.03 -14.88
N CYS B 29 37.36 -35.06 -13.76
CA CYS B 29 36.04 -35.68 -13.75
C CYS B 29 35.08 -34.98 -14.70
N ALA B 30 35.32 -33.70 -14.99
CA ALA B 30 34.45 -32.94 -15.88
C ALA B 30 34.67 -33.35 -17.34
N ASP B 31 34.23 -34.55 -17.70
CA ASP B 31 34.40 -35.03 -19.06
C ASP B 31 33.66 -34.14 -20.05
N ALA B 32 32.44 -33.74 -19.71
CA ALA B 32 31.64 -32.88 -20.57
C ALA B 32 30.93 -31.87 -19.66
N THR B 33 29.96 -31.15 -20.22
CA THR B 33 29.26 -30.09 -19.50
C THR B 33 27.76 -30.27 -19.65
N LEU B 34 27.03 -29.96 -18.59
CA LEU B 34 25.58 -30.04 -18.63
C LEU B 34 25.02 -29.17 -19.75
N SER B 35 25.71 -28.07 -20.07
CA SER B 35 25.25 -27.18 -21.14
C SER B 35 25.22 -27.92 -22.47
N GLN B 36 26.27 -28.67 -22.78
CA GLN B 36 26.34 -29.41 -24.03
C GLN B 36 25.69 -30.79 -23.92
N ILE B 37 25.24 -31.19 -22.74
CA ILE B 37 24.46 -32.41 -22.60
C ILE B 37 22.97 -32.14 -22.76
N THR B 38 22.51 -30.94 -22.40
CA THR B 38 21.10 -30.59 -22.44
C THR B 38 20.73 -29.71 -23.64
N ASN B 39 21.58 -29.65 -24.66
CA ASN B 39 21.26 -28.84 -25.83
C ASN B 39 20.15 -29.47 -26.67
N ASN B 40 20.17 -30.79 -26.83
CA ASN B 40 19.20 -31.49 -27.68
C ASN B 40 18.05 -32.01 -26.82
N ILE B 41 17.24 -31.07 -26.33
CA ILE B 41 16.01 -31.38 -25.60
C ILE B 41 14.94 -30.37 -26.01
N ASP B 42 13.76 -30.51 -25.41
CA ASP B 42 12.64 -29.64 -25.71
C ASP B 42 12.66 -28.42 -24.78
N PRO B 43 12.90 -27.22 -25.29
CA PRO B 43 12.87 -26.03 -24.41
C PRO B 43 11.48 -25.79 -23.85
N VAL B 44 11.45 -25.20 -22.65
CA VAL B 44 10.18 -24.97 -21.97
C VAL B 44 9.28 -24.07 -22.82
N GLY B 45 9.83 -22.99 -23.36
CA GLY B 45 9.06 -22.06 -24.15
C GLY B 45 8.81 -20.75 -23.42
N ARG B 46 7.54 -20.44 -23.17
CA ARG B 46 7.15 -19.23 -22.44
C ARG B 46 6.37 -19.64 -21.20
N ILE B 47 6.93 -19.34 -20.03
CA ILE B 47 6.26 -19.62 -18.77
C ILE B 47 5.56 -18.36 -18.29
N GLN B 48 4.31 -18.18 -18.72
CA GLN B 48 3.49 -17.03 -18.33
C GLN B 48 2.60 -17.44 -17.17
N MET B 49 2.76 -16.77 -16.04
CA MET B 49 2.00 -17.05 -14.83
C MET B 49 1.23 -15.82 -14.40
N ARG B 50 0.01 -16.04 -13.94
CA ARG B 50 -0.90 -14.97 -13.52
C ARG B 50 -1.08 -15.02 -12.02
N THR B 51 -1.24 -13.85 -11.41
CA THR B 51 -1.44 -13.73 -9.96
C THR B 51 -2.88 -14.14 -9.65
N ARG B 52 -3.04 -15.43 -9.31
CA ARG B 52 -4.37 -15.92 -8.98
C ARG B 52 -4.87 -15.32 -7.69
N ARG B 53 -3.99 -15.12 -6.71
CA ARG B 53 -4.34 -14.46 -5.46
C ARG B 53 -3.28 -13.44 -5.13
N THR B 54 -3.71 -12.34 -4.51
CA THR B 54 -2.82 -11.31 -4.00
C THR B 54 -3.19 -11.06 -2.55
N LEU B 55 -2.26 -11.34 -1.64
CA LEU B 55 -2.51 -11.22 -0.23
C LEU B 55 -2.17 -9.82 0.27
N ARG B 56 -3.08 -9.25 1.05
CA ARG B 56 -2.88 -7.93 1.63
C ARG B 56 -3.12 -8.01 3.13
N GLY B 57 -2.43 -7.14 3.87
CA GLY B 57 -2.47 -7.17 5.31
C GLY B 57 -1.09 -6.89 5.87
N HIS B 58 -0.06 -7.16 5.07
CA HIS B 58 1.30 -6.81 5.42
C HIS B 58 1.58 -5.37 5.00
N LEU B 59 1.96 -4.54 5.96
CA LEU B 59 2.11 -3.10 5.75
C LEU B 59 3.57 -2.67 5.70
N ALA B 60 4.47 -3.59 5.39
CA ALA B 60 5.88 -3.29 5.22
C ALA B 60 6.49 -4.34 4.31
N LYS B 61 7.80 -4.26 4.13
CA LYS B 61 8.49 -5.21 3.25
C LYS B 61 8.29 -6.63 3.74
N ILE B 62 8.02 -7.53 2.81
CA ILE B 62 7.94 -8.96 3.08
C ILE B 62 9.32 -9.55 2.86
N TYR B 63 9.87 -10.19 3.88
CA TYR B 63 11.20 -10.79 3.79
C TYR B 63 11.18 -12.29 3.62
N ALA B 64 10.25 -13.01 4.25
CA ALA B 64 10.25 -14.45 4.19
C ALA B 64 8.83 -14.97 4.06
N MET B 65 8.69 -16.15 3.46
CA MET B 65 7.40 -16.82 3.38
C MET B 65 7.68 -18.30 3.13
N HIS B 66 6.91 -19.16 3.79
CA HIS B 66 7.07 -20.59 3.66
C HIS B 66 5.71 -21.27 3.59
N TRP B 67 5.57 -22.18 2.64
CA TRP B 67 4.36 -22.98 2.49
C TRP B 67 4.27 -24.02 3.60
N GLY B 68 3.03 -24.42 3.91
CA GLY B 68 2.79 -25.54 4.77
C GLY B 68 2.87 -26.86 4.00
N THR B 69 2.70 -27.96 4.73
CA THR B 69 2.78 -29.27 4.10
C THR B 69 1.57 -29.56 3.20
N ASP B 70 0.44 -28.90 3.44
CA ASP B 70 -0.79 -29.17 2.70
C ASP B 70 -0.93 -28.29 1.46
N SER B 71 0.05 -27.45 1.16
CA SER B 71 0.01 -26.59 -0.02
C SER B 71 -1.16 -25.61 0.02
N ARG B 72 -1.70 -25.35 1.21
CA ARG B 72 -2.81 -24.42 1.36
C ARG B 72 -2.60 -23.39 2.46
N LEU B 73 -1.85 -23.69 3.51
CA LEU B 73 -1.52 -22.74 4.55
C LEU B 73 -0.09 -22.28 4.36
N LEU B 74 0.12 -20.96 4.42
CA LEU B 74 1.47 -20.42 4.25
C LEU B 74 1.72 -19.33 5.27
N VAL B 75 2.93 -19.33 5.83
CA VAL B 75 3.35 -18.27 6.74
C VAL B 75 4.10 -17.22 5.94
N SER B 76 3.89 -15.95 6.33
CA SER B 76 4.60 -14.82 5.77
C SER B 76 5.13 -13.97 6.91
N ALA B 77 6.41 -13.63 6.84
CA ALA B 77 7.08 -12.76 7.79
C ALA B 77 7.57 -11.52 7.04
N SER B 78 7.19 -10.35 7.55
CA SER B 78 7.48 -9.08 6.93
C SER B 78 8.07 -8.12 7.95
N GLN B 79 8.67 -7.04 7.45
CA GLN B 79 9.36 -6.08 8.32
C GLN B 79 8.41 -5.34 9.24
N ASP B 80 7.10 -5.44 9.02
CA ASP B 80 6.14 -4.82 9.93
C ASP B 80 6.10 -5.51 11.29
N GLY B 81 6.76 -6.65 11.44
CA GLY B 81 6.82 -7.32 12.72
C GLY B 81 5.64 -8.22 13.00
N LYS B 82 5.21 -9.00 12.00
CA LYS B 82 4.05 -9.85 12.16
C LYS B 82 4.17 -11.07 11.26
N LEU B 83 3.88 -12.23 11.82
CA LEU B 83 3.78 -13.48 11.07
C LEU B 83 2.31 -13.74 10.78
N ILE B 84 1.96 -13.85 9.50
CA ILE B 84 0.58 -14.06 9.09
C ILE B 84 0.46 -15.44 8.44
N ILE B 85 -0.51 -16.22 8.90
CA ILE B 85 -0.84 -17.49 8.27
C ILE B 85 -2.00 -17.25 7.31
N TRP B 86 -1.77 -17.52 6.04
CA TRP B 86 -2.75 -17.30 4.98
C TRP B 86 -3.29 -18.65 4.50
N ASP B 87 -4.61 -18.72 4.37
CA ASP B 87 -5.29 -19.75 3.61
C ASP B 87 -5.46 -19.17 2.20
N SER B 88 -4.57 -19.60 1.30
CA SER B 88 -4.55 -19.03 -0.05
C SER B 88 -5.75 -19.49 -0.87
N TYR B 89 -6.35 -20.63 -0.50
CA TYR B 89 -7.53 -21.08 -1.24
C TYR B 89 -8.67 -20.08 -1.15
N THR B 90 -8.95 -19.57 0.05
CA THR B 90 -9.94 -18.53 0.25
C THR B 90 -9.34 -17.20 0.65
N THR B 91 -8.03 -17.01 0.45
CA THR B 91 -7.32 -15.79 0.80
C THR B 91 -7.64 -15.32 2.22
N ASN B 92 -8.01 -16.24 3.10
CA ASN B 92 -8.38 -15.87 4.45
C ASN B 92 -7.14 -15.77 5.33
N LYS B 93 -7.28 -15.06 6.45
CA LYS B 93 -6.21 -14.93 7.43
C LYS B 93 -6.54 -15.88 8.58
N VAL B 94 -5.85 -17.03 8.60
CA VAL B 94 -6.11 -18.02 9.63
C VAL B 94 -5.61 -17.53 10.98
N HIS B 95 -4.43 -16.92 11.01
CA HIS B 95 -3.86 -16.40 12.23
C HIS B 95 -3.05 -15.15 11.91
N ALA B 96 -2.92 -14.28 12.91
CA ALA B 96 -2.04 -13.12 12.84
C ALA B 96 -1.11 -13.19 14.04
N ILE B 97 0.14 -13.56 13.80
CA ILE B 97 1.11 -13.83 14.86
C ILE B 97 1.99 -12.59 15.02
N PRO B 98 1.91 -11.88 16.15
CA PRO B 98 2.83 -10.74 16.37
C PRO B 98 4.19 -11.24 16.83
N LEU B 99 5.24 -10.76 16.17
CA LEU B 99 6.61 -11.17 16.47
C LEU B 99 7.22 -10.24 17.51
N ARG B 100 8.11 -10.80 18.34
CA ARG B 100 8.80 -9.98 19.34
C ARG B 100 9.77 -9.01 18.68
N SER B 101 10.41 -9.41 17.59
CA SER B 101 11.35 -8.58 16.86
C SER B 101 10.87 -8.41 15.42
N SER B 102 10.89 -7.17 14.94
CA SER B 102 10.39 -6.86 13.61
C SER B 102 11.42 -7.07 12.52
N TRP B 103 12.68 -7.35 12.88
CA TRP B 103 13.74 -7.54 11.90
C TRP B 103 13.89 -9.03 11.59
N VAL B 104 12.82 -9.58 11.00
CA VAL B 104 12.73 -10.99 10.67
C VAL B 104 13.20 -11.18 9.23
N MET B 105 14.10 -12.14 9.02
CA MET B 105 14.64 -12.41 7.70
C MET B 105 14.34 -13.81 7.20
N THR B 106 13.72 -14.66 8.03
CA THR B 106 13.36 -16.00 7.60
C THR B 106 12.17 -16.48 8.42
N CYS B 107 11.44 -17.44 7.85
CA CYS B 107 10.33 -18.09 8.54
C CYS B 107 10.15 -19.47 7.94
N ALA B 108 9.52 -20.36 8.71
CA ALA B 108 9.36 -21.75 8.27
C ALA B 108 8.07 -22.32 8.84
N TYR B 109 7.58 -23.36 8.17
CA TYR B 109 6.36 -24.07 8.53
C TYR B 109 6.71 -25.49 8.90
N ALA B 110 6.29 -25.92 10.09
CA ALA B 110 6.59 -27.28 10.53
C ALA B 110 5.90 -28.28 9.62
N PRO B 111 6.55 -29.39 9.29
CA PRO B 111 5.90 -30.37 8.40
C PRO B 111 4.57 -30.87 8.93
N SER B 112 4.45 -31.07 10.25
CA SER B 112 3.17 -31.48 10.82
C SER B 112 2.11 -30.40 10.67
N GLY B 113 2.53 -29.13 10.77
CA GLY B 113 1.61 -28.01 10.75
C GLY B 113 1.29 -27.48 12.13
N ASN B 114 1.78 -28.11 13.19
CA ASN B 114 1.52 -27.66 14.55
C ASN B 114 2.36 -26.47 14.96
N TYR B 115 3.44 -26.17 14.23
CA TYR B 115 4.41 -25.17 14.65
C TYR B 115 4.87 -24.36 13.45
N VAL B 116 5.31 -23.14 13.72
CA VAL B 116 5.98 -22.30 12.74
C VAL B 116 7.23 -21.71 13.38
N ALA B 117 8.20 -21.36 12.55
CA ALA B 117 9.46 -20.81 13.02
C ALA B 117 9.73 -19.46 12.35
N CYS B 118 10.37 -18.57 13.10
CA CYS B 118 10.76 -17.27 12.57
C CYS B 118 12.07 -16.83 13.18
N GLY B 119 12.93 -16.24 12.36
CA GLY B 119 14.23 -15.77 12.83
C GLY B 119 14.68 -14.56 12.05
N GLY B 120 15.68 -13.89 12.59
CA GLY B 120 16.22 -12.71 11.94
C GLY B 120 17.41 -12.09 12.65
N LEU B 121 17.42 -10.76 12.74
CA LEU B 121 18.56 -10.02 13.27
C LEU B 121 18.76 -10.21 14.77
N ASP B 122 17.80 -10.80 15.46
CA ASP B 122 17.92 -10.99 16.90
C ASP B 122 18.69 -12.25 17.30
N ASN B 123 19.11 -13.05 16.32
CA ASN B 123 19.91 -14.25 16.55
C ASN B 123 19.14 -15.33 17.30
N ILE B 124 17.82 -15.24 17.32
CA ILE B 124 16.96 -16.19 18.03
C ILE B 124 15.92 -16.73 17.06
N CYS B 125 15.81 -18.05 17.00
CA CYS B 125 14.78 -18.71 16.20
C CYS B 125 13.60 -19.03 17.10
N SER B 126 12.52 -18.26 16.95
CA SER B 126 11.32 -18.43 17.77
C SER B 126 10.41 -19.47 17.13
N ILE B 127 9.89 -20.38 17.96
CA ILE B 127 8.94 -21.40 17.56
C ILE B 127 7.58 -21.02 18.12
N TYR B 128 6.54 -21.11 17.30
CA TYR B 128 5.18 -20.79 17.70
C TYR B 128 4.29 -22.01 17.50
N ASN B 129 3.61 -22.41 18.56
CA ASN B 129 2.61 -23.48 18.55
C ASN B 129 1.32 -22.92 17.97
N LEU B 130 0.87 -23.55 16.88
CA LEU B 130 -0.35 -23.14 16.19
C LEU B 130 -1.56 -23.94 16.67
N LYS B 131 -1.49 -25.26 16.58
CA LYS B 131 -2.60 -26.16 16.88
C LYS B 131 -2.53 -26.54 18.35
N THR B 132 -3.26 -25.80 19.18
CA THR B 132 -3.32 -26.07 20.60
C THR B 132 -4.66 -25.60 21.13
N ARG B 133 -5.03 -26.13 22.30
CA ARG B 133 -6.23 -25.65 22.96
C ARG B 133 -6.08 -24.17 23.30
N GLU B 134 -7.17 -23.56 23.74
CA GLU B 134 -7.32 -22.14 24.04
C GLU B 134 -7.44 -21.31 22.77
N GLY B 135 -7.31 -21.90 21.58
CA GLY B 135 -7.59 -21.17 20.35
C GLY B 135 -6.73 -19.95 20.14
N ASN B 136 -5.45 -20.05 20.46
CA ASN B 136 -4.50 -18.97 20.22
C ASN B 136 -3.13 -19.54 19.94
N VAL B 137 -2.42 -18.92 19.01
CA VAL B 137 -1.04 -19.30 18.68
C VAL B 137 -0.13 -18.71 19.73
N ARG B 138 0.73 -19.55 20.32
CA ARG B 138 1.55 -19.09 21.44
C ARG B 138 3.00 -19.53 21.25
N VAL B 139 3.93 -18.73 21.77
CA VAL B 139 5.34 -19.06 21.67
C VAL B 139 5.62 -20.33 22.47
N SER B 140 6.30 -21.28 21.83
CA SER B 140 6.61 -22.57 22.43
C SER B 140 8.06 -22.68 22.90
N ARG B 141 9.01 -22.24 22.08
CA ARG B 141 10.42 -22.37 22.40
C ARG B 141 11.20 -21.28 21.66
N GLU B 142 12.21 -20.73 22.32
CA GLU B 142 13.10 -19.74 21.74
C GLU B 142 14.51 -20.31 21.70
N LEU B 143 15.05 -20.46 20.49
CA LEU B 143 16.37 -21.07 20.30
C LEU B 143 17.42 -19.98 20.28
N ALA B 144 18.31 -19.99 21.27
CA ALA B 144 19.38 -19.02 21.39
C ALA B 144 20.73 -19.72 21.40
N GLY B 145 21.75 -19.05 20.89
CA GLY B 145 23.08 -19.64 20.81
C GLY B 145 23.85 -19.23 19.58
N HIS B 146 23.16 -18.77 18.54
CA HIS B 146 23.82 -18.22 17.37
C HIS B 146 24.40 -16.84 17.72
N THR B 147 25.55 -16.54 17.12
CA THR B 147 26.22 -15.26 17.37
C THR B 147 25.83 -14.18 16.37
N GLY B 148 25.64 -14.53 15.09
CA GLY B 148 25.21 -13.60 14.08
C GLY B 148 23.72 -13.66 13.83
N TYR B 149 23.29 -12.84 12.86
CA TYR B 149 21.88 -12.82 12.50
C TYR B 149 21.47 -14.12 11.82
N LEU B 150 20.22 -14.53 12.04
CA LEU B 150 19.70 -15.75 11.45
C LEU B 150 19.29 -15.49 10.01
N SER B 151 19.81 -16.30 9.09
CA SER B 151 19.52 -16.16 7.67
C SER B 151 18.42 -17.10 7.21
N CYS B 152 18.40 -18.33 7.72
CA CYS B 152 17.41 -19.32 7.30
C CYS B 152 17.18 -20.30 8.45
N CYS B 153 16.04 -20.97 8.39
CA CYS B 153 15.70 -22.00 9.37
C CYS B 153 14.67 -22.93 8.73
N ARG B 154 14.84 -24.23 8.94
CA ARG B 154 13.93 -25.23 8.41
C ARG B 154 13.74 -26.34 9.43
N PHE B 155 12.48 -26.75 9.63
CA PHE B 155 12.16 -27.85 10.51
C PHE B 155 12.55 -29.18 9.87
N LEU B 156 13.06 -30.10 10.69
CA LEU B 156 13.19 -31.50 10.28
C LEU B 156 12.04 -32.35 10.77
N ASP B 157 11.55 -32.09 11.97
CA ASP B 157 10.37 -32.75 12.52
C ASP B 157 9.81 -31.84 13.60
N ASP B 158 8.92 -32.38 14.43
CA ASP B 158 8.32 -31.60 15.50
C ASP B 158 9.32 -31.20 16.58
N ASN B 159 10.53 -31.76 16.57
CA ASN B 159 11.51 -31.50 17.62
C ASN B 159 12.90 -31.17 17.10
N GLN B 160 13.10 -31.11 15.79
CA GLN B 160 14.42 -30.85 15.21
C GLN B 160 14.31 -29.74 14.16
N ILE B 161 15.16 -28.73 14.27
CA ILE B 161 15.19 -27.60 13.34
C ILE B 161 16.64 -27.24 13.06
N VAL B 162 16.94 -26.92 11.80
CA VAL B 162 18.28 -26.54 11.36
C VAL B 162 18.27 -25.08 10.97
N THR B 163 19.26 -24.34 11.45
CA THR B 163 19.37 -22.90 11.22
C THR B 163 20.75 -22.55 10.70
N SER B 164 20.84 -21.40 10.02
CA SER B 164 22.10 -20.83 9.59
C SER B 164 22.17 -19.38 10.06
N SER B 165 23.36 -18.94 10.45
CA SER B 165 23.53 -17.60 11.00
C SER B 165 24.60 -16.83 10.23
N GLY B 166 24.70 -15.55 10.55
CA GLY B 166 25.72 -14.68 10.00
C GLY B 166 27.07 -14.80 10.66
N ASP B 167 27.19 -15.64 11.69
CA ASP B 167 28.48 -15.93 12.32
C ASP B 167 29.24 -17.03 11.60
N THR B 168 28.86 -17.35 10.36
CA THR B 168 29.57 -18.32 9.55
C THR B 168 29.37 -19.73 10.07
N THR B 169 28.16 -20.03 10.55
CA THR B 169 27.89 -21.34 11.11
C THR B 169 26.44 -21.74 10.82
N CYS B 170 26.21 -23.05 10.88
CA CYS B 170 24.88 -23.64 10.85
C CYS B 170 24.77 -24.60 12.04
N ALA B 171 23.56 -24.73 12.56
CA ALA B 171 23.32 -25.51 13.78
C ALA B 171 22.07 -26.37 13.61
N LEU B 172 22.05 -27.46 14.36
CA LEU B 172 20.88 -28.33 14.51
C LEU B 172 20.42 -28.24 15.95
N TRP B 173 19.11 -28.22 16.16
CA TRP B 173 18.57 -27.98 17.50
C TRP B 173 17.60 -29.08 17.89
N ASP B 174 17.52 -29.32 19.20
CA ASP B 174 16.45 -30.10 19.82
C ASP B 174 15.53 -29.10 20.48
N ILE B 175 14.29 -29.01 19.97
CA ILE B 175 13.36 -27.98 20.43
C ILE B 175 12.89 -28.28 21.85
N GLU B 176 12.55 -29.54 22.13
CA GLU B 176 12.08 -29.88 23.47
C GLU B 176 13.10 -29.48 24.53
N THR B 177 14.36 -29.91 24.34
CA THR B 177 15.43 -29.46 25.22
C THR B 177 15.89 -28.05 24.86
N GLY B 178 15.65 -27.62 23.61
CA GLY B 178 16.08 -26.31 23.17
C GLY B 178 17.59 -26.18 23.21
N GLN B 179 18.29 -27.20 22.73
CA GLN B 179 19.74 -27.24 22.84
C GLN B 179 20.36 -27.58 21.49
N GLN B 180 21.59 -27.09 21.28
CA GLN B 180 22.29 -27.34 20.04
C GLN B 180 22.86 -28.76 20.03
N THR B 181 22.36 -29.60 19.13
CA THR B 181 22.83 -30.97 18.99
C THR B 181 24.07 -31.08 18.12
N THR B 182 24.25 -30.17 17.17
CA THR B 182 25.41 -30.19 16.29
C THR B 182 25.68 -28.79 15.79
N THR B 183 26.95 -28.43 15.70
CA THR B 183 27.38 -27.15 15.13
C THR B 183 28.19 -27.42 13.88
N PHE B 184 27.89 -26.69 12.82
CA PHE B 184 28.53 -26.87 11.52
C PHE B 184 29.45 -25.68 11.27
N THR B 185 30.72 -25.97 10.99
CA THR B 185 31.76 -24.96 10.90
C THR B 185 32.58 -25.16 9.64
N GLY B 186 33.11 -24.07 9.10
CA GLY B 186 33.93 -24.12 7.91
C GLY B 186 33.70 -22.94 6.98
N HIS B 187 32.51 -22.34 7.03
CA HIS B 187 32.22 -21.17 6.23
C HIS B 187 33.02 -19.98 6.72
N THR B 188 33.54 -19.20 5.78
CA THR B 188 34.32 -18.01 6.10
C THR B 188 33.46 -16.76 6.23
N GLY B 189 32.51 -16.55 5.32
CA GLY B 189 31.61 -15.43 5.39
C GLY B 189 30.31 -15.76 6.10
N ASP B 190 29.39 -14.79 6.06
CA ASP B 190 28.07 -15.01 6.64
C ASP B 190 27.29 -16.01 5.81
N VAL B 191 26.61 -16.93 6.48
CA VAL B 191 25.77 -17.93 5.82
C VAL B 191 24.41 -17.29 5.58
N MET B 192 23.96 -17.29 4.32
CA MET B 192 22.75 -16.58 3.92
C MET B 192 21.56 -17.48 3.65
N SER B 193 21.78 -18.75 3.32
CA SER B 193 20.68 -19.64 3.00
C SER B 193 21.06 -21.08 3.32
N LEU B 194 20.05 -21.88 3.61
CA LEU B 194 20.21 -23.30 3.87
C LEU B 194 18.97 -24.03 3.36
N SER B 195 19.17 -25.19 2.74
CA SER B 195 18.09 -26.01 2.23
C SER B 195 18.25 -27.42 2.77
N LEU B 196 17.22 -27.93 3.45
CA LEU B 196 17.24 -29.29 3.95
C LEU B 196 16.95 -30.27 2.82
N ALA B 197 17.62 -31.41 2.86
CA ALA B 197 17.41 -32.42 1.84
C ALA B 197 16.02 -33.04 2.00
N PRO B 198 15.47 -33.60 0.92
CA PRO B 198 14.16 -34.28 1.05
C PRO B 198 14.15 -35.39 2.08
N ASP B 199 15.25 -36.11 2.23
CA ASP B 199 15.36 -37.17 3.23
C ASP B 199 15.77 -36.65 4.59
N THR B 200 16.03 -35.34 4.73
CA THR B 200 16.38 -34.73 6.01
C THR B 200 17.66 -35.33 6.58
N ARG B 201 18.54 -35.78 5.69
CA ARG B 201 19.82 -36.35 6.09
C ARG B 201 21.01 -35.45 5.80
N LEU B 202 20.93 -34.60 4.77
CA LEU B 202 21.98 -33.65 4.45
C LEU B 202 21.36 -32.28 4.26
N PHE B 203 22.21 -31.26 4.25
CA PHE B 203 21.74 -29.92 3.88
C PHE B 203 22.91 -29.08 3.39
N VAL B 204 22.65 -28.23 2.42
CA VAL B 204 23.66 -27.36 1.84
C VAL B 204 23.46 -25.94 2.37
N SER B 205 24.55 -25.19 2.38
CA SER B 205 24.51 -23.79 2.82
C SER B 205 25.47 -22.97 2.00
N GLY B 206 25.02 -21.78 1.59
CA GLY B 206 25.87 -20.83 0.91
C GLY B 206 26.09 -19.61 1.78
N ALA B 207 27.24 -18.96 1.60
CA ALA B 207 27.63 -17.85 2.45
C ALA B 207 28.25 -16.74 1.61
N CYS B 208 28.66 -15.67 2.28
CA CYS B 208 29.26 -14.52 1.62
C CYS B 208 30.66 -14.79 1.11
N ASP B 209 31.28 -15.89 1.53
CA ASP B 209 32.60 -16.27 1.02
C ASP B 209 32.55 -16.82 -0.39
N ALA B 210 31.39 -16.76 -1.05
CA ALA B 210 31.24 -17.22 -2.43
C ALA B 210 31.51 -18.71 -2.55
N SER B 211 31.03 -19.48 -1.58
CA SER B 211 31.17 -20.93 -1.62
C SER B 211 29.93 -21.58 -1.01
N ALA B 212 29.72 -22.84 -1.37
CA ALA B 212 28.63 -23.63 -0.82
C ALA B 212 29.21 -24.89 -0.20
N LYS B 213 28.65 -25.30 0.94
CA LYS B 213 29.13 -26.46 1.67
C LYS B 213 27.96 -27.39 2.00
N LEU B 214 28.21 -28.69 1.86
CA LEU B 214 27.23 -29.72 2.16
C LEU B 214 27.57 -30.35 3.51
N TRP B 215 26.56 -30.49 4.37
CA TRP B 215 26.74 -30.97 5.72
C TRP B 215 25.84 -32.17 5.99
N ASP B 216 26.41 -33.16 6.68
CA ASP B 216 25.67 -34.31 7.16
C ASP B 216 25.04 -33.96 8.51
N VAL B 217 23.72 -34.14 8.62
CA VAL B 217 23.01 -33.70 9.81
C VAL B 217 23.47 -34.47 11.04
N ARG B 218 23.74 -35.76 10.90
CA ARG B 218 24.09 -36.58 12.07
C ARG B 218 25.55 -36.41 12.46
N GLU B 219 26.47 -36.70 11.54
CA GLU B 219 27.89 -36.67 11.88
C GLU B 219 28.35 -35.29 12.30
N GLY B 220 27.94 -34.26 11.56
CA GLY B 220 28.36 -32.90 11.81
C GLY B 220 29.57 -32.43 11.03
N MET B 221 29.98 -33.17 10.01
CA MET B 221 31.15 -32.84 9.21
C MET B 221 30.75 -32.26 7.86
N CYS B 222 31.67 -31.54 7.24
CA CYS B 222 31.45 -30.96 5.92
C CYS B 222 31.87 -31.98 4.87
N ARG B 223 30.89 -32.59 4.20
CA ARG B 223 31.23 -33.61 3.23
C ARG B 223 31.77 -33.02 1.93
N GLN B 224 31.35 -31.81 1.57
CA GLN B 224 31.79 -31.19 0.33
C GLN B 224 31.78 -29.68 0.48
N THR B 225 32.59 -29.01 -0.34
CA THR B 225 32.64 -27.56 -0.40
C THR B 225 32.76 -27.14 -1.85
N PHE B 226 31.98 -26.14 -2.24
CA PHE B 226 31.88 -25.72 -3.63
C PHE B 226 32.22 -24.24 -3.74
N THR B 227 32.95 -23.88 -4.79
CA THR B 227 33.36 -22.50 -5.02
C THR B 227 33.23 -22.19 -6.51
N GLY B 228 32.22 -21.41 -6.87
CA GLY B 228 32.03 -21.01 -8.25
C GLY B 228 31.56 -19.58 -8.40
N HIS B 229 31.42 -18.86 -7.29
CA HIS B 229 30.93 -17.49 -7.29
C HIS B 229 32.07 -16.52 -7.03
N GLU B 230 31.90 -15.29 -7.51
CA GLU B 230 32.81 -14.19 -7.23
C GLU B 230 32.08 -13.11 -6.43
N SER B 231 31.12 -13.50 -5.60
CA SER B 231 30.39 -12.58 -4.74
C SER B 231 29.55 -13.36 -3.74
N ASP B 232 28.86 -12.66 -2.86
CA ASP B 232 28.08 -13.32 -1.82
C ASP B 232 26.96 -14.16 -2.42
N ILE B 233 26.70 -15.31 -1.81
CA ILE B 233 25.59 -16.18 -2.17
C ILE B 233 24.45 -15.87 -1.20
N ASN B 234 23.29 -15.46 -1.74
CA ASN B 234 22.20 -14.96 -0.94
C ASN B 234 21.06 -15.95 -0.74
N ALA B 235 20.92 -16.94 -1.62
CA ALA B 235 19.85 -17.92 -1.53
C ALA B 235 20.37 -19.27 -1.97
N ILE B 236 19.83 -20.33 -1.36
CA ILE B 236 20.20 -21.69 -1.70
C ILE B 236 18.95 -22.55 -1.65
N CYS B 237 18.83 -23.47 -2.61
CA CYS B 237 17.68 -24.36 -2.64
C CYS B 237 18.12 -25.74 -3.10
N PHE B 238 17.66 -26.76 -2.38
CA PHE B 238 17.92 -28.13 -2.78
C PHE B 238 17.02 -28.54 -3.93
N PHE B 239 17.58 -29.34 -4.83
CA PHE B 239 16.78 -29.94 -5.89
C PHE B 239 15.81 -30.94 -5.29
N PRO B 240 14.63 -31.14 -5.90
CA PRO B 240 13.71 -32.17 -5.38
C PRO B 240 14.32 -33.55 -5.36
N ASN B 241 15.32 -33.81 -6.21
CA ASN B 241 16.00 -35.10 -6.19
C ASN B 241 16.89 -35.23 -4.95
N GLY B 242 17.36 -34.11 -4.41
CA GLY B 242 18.24 -34.12 -3.26
C GLY B 242 19.70 -34.36 -3.58
N ASN B 243 20.05 -34.52 -4.85
CA ASN B 243 21.41 -34.84 -5.28
C ASN B 243 22.03 -33.66 -6.03
N ALA B 244 21.56 -32.45 -5.73
CA ALA B 244 22.09 -31.24 -6.32
C ALA B 244 21.50 -30.03 -5.60
N PHE B 245 21.81 -28.83 -6.07
CA PHE B 245 21.23 -27.63 -5.47
C PHE B 245 21.56 -26.44 -6.34
N ALA B 246 20.98 -25.29 -5.99
CA ALA B 246 21.17 -24.05 -6.72
C ALA B 246 21.42 -22.91 -5.75
N THR B 247 22.30 -21.97 -6.15
CA THR B 247 22.69 -20.84 -5.34
C THR B 247 22.49 -19.55 -6.12
N GLY B 248 22.10 -18.50 -5.42
CA GLY B 248 21.94 -17.18 -6.02
C GLY B 248 22.81 -16.17 -5.31
N SER B 249 23.51 -15.34 -6.08
CA SER B 249 24.55 -14.48 -5.54
C SER B 249 24.34 -13.02 -5.95
N ASP B 250 25.08 -12.15 -5.26
CA ASP B 250 25.13 -10.74 -5.64
C ASP B 250 25.77 -10.55 -7.01
N ASP B 251 26.45 -11.57 -7.54
CA ASP B 251 26.97 -11.53 -8.90
C ASP B 251 25.89 -11.29 -9.94
N ALA B 252 24.62 -11.33 -9.56
CA ALA B 252 23.51 -11.22 -10.50
C ALA B 252 23.44 -12.47 -11.35
N THR B 253 23.92 -13.59 -10.80
CA THR B 253 23.89 -14.87 -11.48
C THR B 253 23.48 -15.96 -10.50
N CYS B 254 22.80 -16.97 -11.02
CA CYS B 254 22.53 -18.20 -10.30
C CYS B 254 23.53 -19.26 -10.74
N ARG B 255 23.70 -20.29 -9.92
CA ARG B 255 24.57 -21.39 -10.29
C ARG B 255 24.05 -22.69 -9.72
N LEU B 256 23.94 -23.69 -10.59
CA LEU B 256 23.50 -25.03 -10.22
C LEU B 256 24.73 -25.89 -9.95
N PHE B 257 24.81 -26.41 -8.72
CA PHE B 257 25.87 -27.28 -8.25
C PHE B 257 25.34 -28.69 -8.07
N ASP B 258 26.24 -29.66 -8.16
CA ASP B 258 25.92 -31.05 -7.87
C ASP B 258 26.60 -31.48 -6.57
N LEU B 259 26.26 -32.68 -6.13
CA LEU B 259 26.83 -33.28 -4.92
C LEU B 259 27.69 -34.49 -5.21
N ARG B 260 27.30 -35.32 -6.17
CA ARG B 260 28.05 -36.53 -6.50
C ARG B 260 29.16 -36.29 -7.51
N ALA B 261 29.33 -35.05 -7.98
CA ALA B 261 30.44 -34.68 -8.85
C ALA B 261 31.37 -33.64 -8.22
N ASP B 262 30.88 -32.88 -7.24
CA ASP B 262 31.72 -31.96 -6.47
C ASP B 262 32.32 -30.87 -7.37
N GLN B 263 31.44 -30.18 -8.09
CA GLN B 263 31.84 -29.00 -8.85
C GLN B 263 30.62 -28.36 -9.51
N GLU B 264 30.73 -27.09 -9.87
CA GLU B 264 29.62 -26.38 -10.48
C GLU B 264 29.23 -27.01 -11.81
N LEU B 265 27.92 -27.07 -12.05
CA LEU B 265 27.40 -27.58 -13.31
C LEU B 265 26.90 -26.50 -14.24
N MET B 266 26.08 -25.57 -13.76
CA MET B 266 25.47 -24.57 -14.63
C MET B 266 25.53 -23.19 -13.98
N THR B 267 25.46 -22.17 -14.84
CA THR B 267 25.35 -20.78 -14.40
C THR B 267 24.29 -20.08 -15.23
N TYR B 268 23.41 -19.34 -14.54
CA TYR B 268 22.31 -18.59 -15.15
C TYR B 268 22.60 -17.11 -15.01
N SER B 269 22.79 -16.43 -16.13
CA SER B 269 23.07 -15.00 -16.12
C SER B 269 22.57 -14.38 -17.41
N HIS B 270 22.30 -13.08 -17.34
CA HIS B 270 21.92 -12.27 -18.49
C HIS B 270 22.64 -10.93 -18.43
N ASP B 271 22.97 -10.39 -19.61
CA ASP B 271 23.70 -9.12 -19.65
C ASP B 271 22.89 -8.01 -19.01
N ASN B 272 21.60 -7.92 -19.32
CA ASN B 272 20.75 -6.89 -18.70
C ASN B 272 20.56 -7.15 -17.21
N ILE B 273 20.87 -8.35 -16.75
CA ILE B 273 20.69 -8.71 -15.35
C ILE B 273 21.98 -8.36 -14.61
N ILE B 274 21.98 -7.24 -13.90
CA ILE B 274 23.09 -6.83 -13.06
C ILE B 274 22.69 -6.77 -11.59
N CYS B 275 21.41 -6.94 -11.27
CA CYS B 275 20.98 -6.99 -9.89
C CYS B 275 21.24 -8.38 -9.30
N GLY B 276 21.47 -8.41 -7.99
CA GLY B 276 21.71 -9.68 -7.33
C GLY B 276 20.44 -10.52 -7.21
N ILE B 277 20.64 -11.80 -6.95
CA ILE B 277 19.54 -12.74 -6.77
C ILE B 277 19.17 -12.75 -5.30
N THR B 278 17.91 -12.41 -5.00
CA THR B 278 17.46 -12.35 -3.61
C THR B 278 17.01 -13.72 -3.13
N SER B 279 16.30 -14.47 -3.96
CA SER B 279 15.73 -15.73 -3.53
C SER B 279 15.76 -16.73 -4.68
N VAL B 280 15.70 -18.01 -4.35
CA VAL B 280 15.63 -19.08 -5.34
C VAL B 280 14.79 -20.21 -4.79
N SER B 281 14.10 -20.91 -5.68
CA SER B 281 13.34 -22.09 -5.32
C SER B 281 13.17 -22.96 -6.55
N PHE B 282 12.67 -24.17 -6.35
CA PHE B 282 12.47 -25.12 -7.42
C PHE B 282 11.01 -25.53 -7.50
N SER B 283 10.54 -25.80 -8.71
CA SER B 283 9.20 -26.34 -8.90
C SER B 283 9.18 -27.78 -8.42
N LYS B 284 8.01 -28.43 -8.51
CA LYS B 284 7.93 -29.82 -8.09
C LYS B 284 8.85 -30.71 -8.90
N SER B 285 8.91 -30.48 -10.21
CA SER B 285 9.77 -31.27 -11.09
C SER B 285 11.24 -30.87 -11.00
N GLY B 286 11.54 -29.71 -10.45
CA GLY B 286 12.89 -29.19 -10.49
C GLY B 286 13.31 -28.65 -11.85
N ARG B 287 12.41 -28.64 -12.83
CA ARG B 287 12.76 -28.17 -14.16
C ARG B 287 12.88 -26.65 -14.23
N LEU B 288 12.20 -25.95 -13.32
CA LEU B 288 12.14 -24.49 -13.34
C LEU B 288 12.73 -23.96 -12.05
N LEU B 289 13.99 -23.52 -12.11
CA LEU B 289 14.58 -22.78 -11.01
C LEU B 289 14.04 -21.36 -11.05
N LEU B 290 13.19 -21.01 -10.08
CA LEU B 290 12.56 -19.70 -10.04
C LEU B 290 13.39 -18.81 -9.12
N ALA B 291 13.84 -17.68 -9.64
CA ALA B 291 14.69 -16.76 -8.90
C ALA B 291 14.00 -15.42 -8.76
N GLY B 292 14.26 -14.77 -7.64
CA GLY B 292 13.73 -13.44 -7.36
C GLY B 292 14.85 -12.45 -7.14
N TYR B 293 14.84 -11.37 -7.93
CA TYR B 293 15.94 -10.42 -8.03
C TYR B 293 15.57 -9.11 -7.34
N ASP B 294 16.50 -8.14 -7.43
CA ASP B 294 16.26 -6.79 -6.94
C ASP B 294 15.57 -5.89 -7.96
N ASP B 295 15.45 -6.32 -9.21
CA ASP B 295 14.80 -5.49 -10.22
C ASP B 295 13.29 -5.58 -10.17
N PHE B 296 12.74 -6.10 -9.07
CA PHE B 296 11.31 -6.06 -8.79
C PHE B 296 10.54 -7.15 -9.53
N ASN B 297 11.25 -8.07 -10.17
CA ASN B 297 10.62 -9.17 -10.88
C ASN B 297 11.32 -10.48 -10.56
N CYS B 298 10.69 -11.58 -10.98
CA CYS B 298 11.25 -12.92 -10.83
C CYS B 298 11.43 -13.54 -12.21
N ASN B 299 12.45 -14.37 -12.33
CA ASN B 299 12.76 -15.06 -13.58
C ASN B 299 12.62 -16.56 -13.41
N VAL B 300 12.06 -17.20 -14.43
CA VAL B 300 11.88 -18.65 -14.45
C VAL B 300 13.00 -19.22 -15.31
N TRP B 301 14.11 -19.60 -14.68
CA TRP B 301 15.27 -20.13 -15.37
C TRP B 301 15.08 -21.63 -15.54
N ASP B 302 15.09 -22.11 -16.78
CA ASP B 302 15.12 -23.54 -16.99
C ASP B 302 16.40 -24.10 -16.40
N ALA B 303 16.30 -24.85 -15.31
CA ALA B 303 17.49 -25.32 -14.62
C ALA B 303 18.35 -26.18 -15.53
N LEU B 304 17.73 -26.90 -16.46
CA LEU B 304 18.49 -27.77 -17.35
C LEU B 304 19.17 -26.97 -18.45
N LYS B 305 18.51 -25.93 -18.97
CA LYS B 305 19.01 -25.17 -20.10
C LYS B 305 19.52 -23.78 -19.71
N ALA B 306 19.14 -23.29 -18.55
CA ALA B 306 19.55 -21.96 -18.09
C ALA B 306 19.12 -20.88 -19.08
N ASP B 307 17.81 -20.76 -19.26
CA ASP B 307 17.21 -19.71 -20.07
C ASP B 307 16.00 -19.14 -19.34
N ARG B 308 15.73 -17.85 -19.58
CA ARG B 308 14.61 -17.17 -18.96
C ARG B 308 13.33 -17.51 -19.72
N ALA B 309 12.76 -18.66 -19.36
CA ALA B 309 11.54 -19.12 -20.03
C ALA B 309 10.31 -18.38 -19.55
N GLY B 310 10.42 -17.56 -18.50
CA GLY B 310 9.29 -16.82 -18.00
C GLY B 310 9.71 -15.72 -17.05
N VAL B 311 8.76 -14.83 -16.78
CA VAL B 311 8.96 -13.71 -15.87
C VAL B 311 7.71 -13.55 -15.02
N LEU B 312 7.90 -13.25 -13.74
CA LEU B 312 6.82 -12.95 -12.82
C LEU B 312 6.94 -11.48 -12.45
N ALA B 313 6.35 -10.62 -13.29
CA ALA B 313 6.51 -9.16 -13.18
C ALA B 313 5.18 -8.57 -12.70
N GLY B 314 5.00 -8.52 -11.39
CA GLY B 314 3.85 -7.87 -10.80
C GLY B 314 4.17 -7.18 -9.50
N HIS B 315 5.45 -7.09 -9.16
CA HIS B 315 5.91 -6.55 -7.90
C HIS B 315 6.52 -5.18 -8.11
N ASP B 316 6.06 -4.21 -7.32
CA ASP B 316 6.55 -2.84 -7.44
C ASP B 316 7.92 -2.64 -6.81
N ASN B 317 8.35 -3.55 -5.94
CA ASN B 317 9.64 -3.44 -5.27
C ASN B 317 10.36 -4.79 -5.34
N ARG B 318 11.54 -4.84 -4.72
CA ARG B 318 12.41 -6.01 -4.82
C ARG B 318 11.69 -7.27 -4.34
N VAL B 319 11.89 -8.35 -5.09
CA VAL B 319 11.35 -9.65 -4.68
C VAL B 319 12.28 -10.25 -3.63
N SER B 320 11.76 -10.47 -2.43
CA SER B 320 12.55 -10.97 -1.32
C SER B 320 12.48 -12.48 -1.16
N CYS B 321 11.29 -13.06 -1.25
CA CYS B 321 11.08 -14.48 -0.97
C CYS B 321 10.30 -15.11 -2.11
N LEU B 322 10.57 -16.40 -2.34
CA LEU B 322 10.02 -17.09 -3.50
C LEU B 322 10.03 -18.59 -3.20
N GLY B 323 8.83 -19.17 -3.07
CA GLY B 323 8.70 -20.58 -2.76
C GLY B 323 7.63 -21.26 -3.59
N VAL B 324 7.57 -22.58 -3.49
CA VAL B 324 6.64 -23.40 -4.26
C VAL B 324 5.87 -24.29 -3.31
N THR B 325 4.67 -24.68 -3.74
CA THR B 325 3.85 -25.59 -2.96
C THR B 325 4.41 -27.01 -3.05
N ASP B 326 4.02 -27.85 -2.07
CA ASP B 326 4.48 -29.22 -2.05
C ASP B 326 3.86 -30.07 -3.15
N ASP B 327 2.74 -29.63 -3.75
CA ASP B 327 2.12 -30.35 -4.85
C ASP B 327 2.46 -29.75 -6.21
N GLY B 328 3.23 -28.67 -6.25
CA GLY B 328 3.62 -28.06 -7.51
C GLY B 328 2.50 -27.32 -8.21
N MET B 329 1.42 -26.98 -7.51
CA MET B 329 0.26 -26.38 -8.13
C MET B 329 0.35 -24.85 -8.20
N ALA B 330 1.11 -24.21 -7.31
CA ALA B 330 1.20 -22.77 -7.32
C ALA B 330 2.56 -22.34 -6.76
N VAL B 331 2.99 -21.15 -7.13
CA VAL B 331 4.18 -20.54 -6.58
C VAL B 331 3.76 -19.31 -5.78
N ALA B 332 4.58 -18.93 -4.81
CA ALA B 332 4.32 -17.75 -4.01
C ALA B 332 5.56 -16.86 -4.02
N THR B 333 5.33 -15.56 -4.16
CA THR B 333 6.39 -14.56 -4.20
C THR B 333 6.04 -13.42 -3.25
N GLY B 334 6.97 -13.06 -2.39
CA GLY B 334 6.85 -11.89 -1.54
C GLY B 334 7.95 -10.90 -1.87
N SER B 335 7.57 -9.63 -1.97
CA SER B 335 8.49 -8.58 -2.38
C SER B 335 8.46 -7.46 -1.35
N TRP B 336 9.33 -6.48 -1.55
CA TRP B 336 9.40 -5.32 -0.67
C TRP B 336 8.21 -4.39 -0.82
N ASP B 337 7.34 -4.64 -1.80
CA ASP B 337 6.15 -3.81 -1.97
C ASP B 337 5.09 -4.14 -0.92
N SER B 338 5.39 -5.11 -0.04
CA SER B 338 4.49 -5.46 1.06
C SER B 338 3.29 -6.27 0.57
N PHE B 339 3.43 -6.96 -0.55
CA PHE B 339 2.37 -7.77 -1.11
C PHE B 339 2.90 -9.17 -1.37
N LEU B 340 2.22 -10.18 -0.84
CA LEU B 340 2.46 -11.56 -1.19
C LEU B 340 1.50 -11.97 -2.29
N LYS B 341 2.02 -12.69 -3.28
CA LYS B 341 1.25 -13.00 -4.48
C LYS B 341 1.42 -14.48 -4.78
N ILE B 342 0.30 -15.16 -5.00
CA ILE B 342 0.29 -16.55 -5.43
C ILE B 342 0.07 -16.56 -6.93
N TRP B 343 1.03 -17.13 -7.66
CA TRP B 343 1.02 -17.15 -9.10
C TRP B 343 0.83 -18.58 -9.60
N ASN B 344 0.08 -18.70 -10.69
CA ASN B 344 -0.17 -20.00 -11.30
C ASN B 344 -0.70 -19.85 -12.72
N GLN C 10 43.14 -22.86 12.91
CA GLN C 10 44.55 -23.26 12.66
C GLN C 10 44.70 -23.87 11.27
N ALA C 11 45.95 -23.98 10.81
CA ALA C 11 46.20 -24.62 9.52
C ALA C 11 46.05 -26.13 9.59
N ARG C 12 46.27 -26.74 10.76
CA ARG C 12 46.12 -28.18 10.88
C ARG C 12 44.70 -28.62 10.59
N LYS C 13 43.72 -27.92 11.18
CA LYS C 13 42.32 -28.24 10.91
C LYS C 13 41.98 -28.02 9.44
N LEU C 14 42.50 -26.94 8.84
CA LEU C 14 42.23 -26.69 7.43
C LEU C 14 42.76 -27.81 6.56
N VAL C 15 43.99 -28.25 6.80
CA VAL C 15 44.56 -29.31 5.96
C VAL C 15 43.83 -30.62 6.19
N GLU C 16 43.44 -30.90 7.44
CA GLU C 16 42.67 -32.12 7.70
C GLU C 16 41.35 -32.11 6.95
N GLN C 17 40.63 -30.99 7.00
CA GLN C 17 39.35 -30.89 6.31
C GLN C 17 39.54 -30.99 4.80
N LEU C 18 40.57 -30.35 4.26
CA LEU C 18 40.83 -30.44 2.83
C LEU C 18 41.16 -31.86 2.41
N LYS C 19 41.96 -32.58 3.20
CA LYS C 19 42.26 -33.97 2.88
C LYS C 19 40.99 -34.83 2.95
N MET C 20 40.15 -34.62 3.96
CA MET C 20 38.91 -35.37 4.06
C MET C 20 38.01 -35.12 2.86
N GLU C 21 37.92 -33.87 2.42
CA GLU C 21 37.12 -33.52 1.25
C GLU C 21 37.72 -34.06 -0.04
N ALA C 22 39.04 -34.15 -0.14
CA ALA C 22 39.69 -34.68 -1.32
C ALA C 22 39.58 -36.19 -1.43
N ASN C 23 39.64 -36.92 -0.31
CA ASN C 23 39.57 -38.37 -0.31
C ASN C 23 38.10 -38.79 -0.23
N ILE C 24 37.37 -38.51 -1.30
CA ILE C 24 35.95 -38.86 -1.41
C ILE C 24 35.70 -39.47 -2.79
N ASP C 25 34.58 -40.16 -2.91
CA ASP C 25 34.17 -40.76 -4.17
C ASP C 25 33.54 -39.68 -5.05
N ARG C 26 33.97 -39.62 -6.31
CA ARG C 26 33.44 -38.68 -7.28
C ARG C 26 33.07 -39.40 -8.56
N ILE C 27 32.01 -38.93 -9.21
CA ILE C 27 31.59 -39.45 -10.50
C ILE C 27 31.64 -38.32 -11.51
N LYS C 28 31.79 -38.69 -12.78
CA LYS C 28 31.88 -37.70 -13.84
C LYS C 28 30.60 -36.86 -13.88
N VAL C 29 30.76 -35.56 -14.15
CA VAL C 29 29.64 -34.63 -14.12
C VAL C 29 28.57 -35.03 -15.13
N SER C 30 28.95 -35.77 -16.18
CA SER C 30 27.97 -36.19 -17.17
C SER C 30 26.89 -37.06 -16.55
N LYS C 31 27.29 -38.00 -15.68
CA LYS C 31 26.30 -38.86 -15.05
C LYS C 31 25.40 -38.10 -14.08
N ALA C 32 25.94 -37.12 -13.36
CA ALA C 32 25.11 -36.30 -12.49
C ALA C 32 24.11 -35.49 -13.30
N ALA C 33 24.55 -34.92 -14.43
CA ALA C 33 23.62 -34.21 -15.30
C ALA C 33 22.54 -35.15 -15.83
N ALA C 34 22.92 -36.37 -16.20
CA ALA C 34 21.94 -37.36 -16.63
C ALA C 34 20.95 -37.66 -15.51
N ASP C 35 21.42 -37.77 -14.28
CA ASP C 35 20.52 -38.02 -13.16
C ASP C 35 19.54 -36.87 -12.98
N LEU C 36 20.02 -35.63 -13.08
CA LEU C 36 19.11 -34.49 -12.92
C LEU C 36 18.07 -34.45 -14.03
N MET C 37 18.48 -34.71 -15.28
CA MET C 37 17.51 -34.78 -16.37
C MET C 37 16.50 -35.90 -16.13
N ALA C 38 16.98 -37.06 -15.68
CA ALA C 38 16.09 -38.19 -15.44
C ALA C 38 15.07 -37.84 -14.36
N TYR C 39 15.49 -37.17 -13.29
CA TYR C 39 14.54 -36.78 -12.26
C TYR C 39 13.55 -35.74 -12.77
N CYS C 40 14.02 -34.77 -13.54
CA CYS C 40 13.11 -33.79 -14.13
C CYS C 40 12.03 -34.49 -14.96
N GLU C 41 12.44 -35.45 -15.79
CA GLU C 41 11.49 -36.23 -16.57
C GLU C 41 10.58 -37.09 -15.70
N ALA C 42 11.11 -37.62 -14.60
CA ALA C 42 10.29 -38.45 -13.70
C ALA C 42 9.16 -37.62 -13.09
N HIS C 43 9.46 -36.38 -12.68
CA HIS C 43 8.46 -35.48 -12.13
C HIS C 43 7.94 -34.49 -13.18
N ALA C 44 8.28 -34.70 -14.45
CA ALA C 44 7.87 -33.76 -15.49
C ALA C 44 6.36 -33.77 -15.68
N LYS C 45 5.73 -34.93 -15.59
CA LYS C 45 4.30 -35.07 -15.85
C LYS C 45 3.43 -34.81 -14.62
N GLU C 46 3.97 -34.18 -13.58
CA GLU C 46 3.20 -33.94 -12.35
C GLU C 46 3.41 -32.54 -11.80
N ASP C 47 3.84 -31.59 -12.63
CA ASP C 47 4.11 -30.23 -12.17
C ASP C 47 3.18 -29.25 -12.87
N PRO C 48 2.09 -28.82 -12.23
CA PRO C 48 1.22 -27.83 -12.88
C PRO C 48 1.92 -26.54 -13.25
N LEU C 49 2.98 -26.18 -12.53
CA LEU C 49 3.74 -24.98 -12.88
C LEU C 49 4.43 -25.09 -14.22
N LEU C 50 4.52 -26.30 -14.80
CA LEU C 50 5.06 -26.49 -16.14
C LEU C 50 3.95 -26.67 -17.16
N THR C 51 3.03 -27.60 -16.93
CA THR C 51 1.87 -27.78 -17.78
C THR C 51 0.62 -27.33 -17.02
N PRO C 52 -0.05 -26.26 -17.42
CA PRO C 52 -1.20 -25.79 -16.65
C PRO C 52 -2.26 -26.87 -16.48
N VAL C 53 -2.85 -26.92 -15.28
CA VAL C 53 -3.88 -27.90 -14.96
C VAL C 53 -5.24 -27.32 -15.34
N PRO C 54 -6.27 -28.15 -15.52
CA PRO C 54 -7.58 -27.61 -15.88
C PRO C 54 -8.10 -26.65 -14.80
N ALA C 55 -8.81 -25.62 -15.25
CA ALA C 55 -9.31 -24.60 -14.33
C ALA C 55 -10.17 -25.20 -13.22
N SER C 56 -10.86 -26.31 -13.48
CA SER C 56 -11.65 -26.97 -12.45
C SER C 56 -10.78 -27.63 -11.38
N GLU C 57 -9.59 -28.08 -11.76
CA GLU C 57 -8.68 -28.71 -10.80
C GLU C 57 -7.81 -27.71 -10.06
N ASN C 58 -7.55 -26.54 -10.63
CA ASN C 58 -6.70 -25.55 -9.98
C ASN C 58 -7.46 -24.92 -8.81
N PRO C 59 -6.95 -25.02 -7.58
CA PRO C 59 -7.65 -24.40 -6.45
C PRO C 59 -7.80 -22.90 -6.57
N PHE C 60 -6.83 -22.20 -7.15
CA PHE C 60 -6.88 -20.75 -7.22
C PHE C 60 -7.56 -20.27 -8.51
N VAL D 2 -10.13 -25.46 30.21
CA VAL D 2 -11.39 -25.12 29.49
C VAL D 2 -12.59 -25.52 30.33
N GLN D 3 -13.33 -24.51 30.79
CA GLN D 3 -14.54 -24.73 31.58
C GLN D 3 -15.62 -23.77 31.10
N LEU D 4 -16.85 -24.28 31.01
CA LEU D 4 -18.03 -23.50 30.62
C LEU D 4 -19.11 -23.80 31.65
N VAL D 5 -19.14 -23.01 32.72
CA VAL D 5 -20.05 -23.25 33.83
C VAL D 5 -21.33 -22.45 33.60
N GLU D 6 -22.47 -23.11 33.74
CA GLU D 6 -23.76 -22.54 33.35
C GLU D 6 -24.64 -22.34 34.58
N SER D 7 -25.35 -21.21 34.59
CA SER D 7 -26.22 -20.83 35.70
C SER D 7 -27.55 -20.34 35.15
N GLY D 8 -28.57 -20.41 35.98
CA GLY D 8 -29.92 -20.05 35.61
C GLY D 8 -30.92 -21.04 36.16
N GLY D 9 -31.80 -21.55 35.30
CA GLY D 9 -32.72 -22.59 35.69
C GLY D 9 -33.65 -22.19 36.82
N GLY D 10 -34.29 -23.18 37.43
CA GLY D 10 -35.22 -22.97 38.52
C GLY D 10 -36.66 -23.14 38.05
N LEU D 11 -37.57 -23.05 39.01
CA LEU D 11 -39.00 -23.16 38.72
C LEU D 11 -39.51 -21.82 38.21
N VAL D 12 -40.33 -21.87 37.16
CA VAL D 12 -40.87 -20.67 36.53
C VAL D 12 -42.32 -20.90 36.18
N GLN D 13 -43.15 -19.89 36.42
CA GLN D 13 -44.55 -19.95 36.00
C GLN D 13 -44.65 -19.71 34.50
N PRO D 14 -45.56 -20.38 33.80
CA PRO D 14 -45.67 -20.17 32.35
C PRO D 14 -45.96 -18.72 32.01
N GLY D 15 -45.38 -18.27 30.90
CA GLY D 15 -45.53 -16.90 30.46
C GLY D 15 -44.55 -15.92 31.07
N GLY D 16 -43.57 -16.39 31.84
CA GLY D 16 -42.58 -15.56 32.47
C GLY D 16 -41.32 -15.42 31.63
N SER D 17 -40.25 -14.98 32.29
CA SER D 17 -38.97 -14.76 31.64
C SER D 17 -37.86 -15.19 32.58
N ARG D 18 -36.71 -15.52 31.99
CA ARG D 18 -35.53 -15.92 32.76
C ARG D 18 -34.29 -15.67 31.92
N LYS D 19 -33.15 -15.62 32.60
CA LYS D 19 -31.86 -15.33 31.98
C LYS D 19 -30.91 -16.47 32.28
N LEU D 20 -30.36 -17.09 31.24
CA LEU D 20 -29.36 -18.13 31.38
C LEU D 20 -27.98 -17.56 31.09
N SER D 21 -26.98 -18.01 31.85
CA SER D 21 -25.62 -17.51 31.71
C SER D 21 -24.64 -18.66 31.57
N CYS D 22 -23.60 -18.43 30.78
CA CYS D 22 -22.50 -19.38 30.63
C CYS D 22 -21.19 -18.62 30.80
N SER D 23 -20.52 -18.86 31.93
CA SER D 23 -19.23 -18.25 32.23
C SER D 23 -18.13 -19.16 31.70
N ALA D 24 -17.25 -18.62 30.87
CA ALA D 24 -16.19 -19.38 30.22
C ALA D 24 -14.85 -19.02 30.87
N SER D 25 -14.00 -20.03 31.05
CA SER D 25 -12.68 -19.83 31.65
C SER D 25 -11.74 -20.91 31.15
N GLY D 26 -10.74 -20.52 30.37
CA GLY D 26 -9.71 -21.46 29.96
C GLY D 26 -9.32 -21.39 28.49
N PHE D 27 -9.89 -20.44 27.75
CA PHE D 27 -9.60 -20.32 26.33
C PHE D 27 -9.83 -18.88 25.90
N ALA D 28 -9.50 -18.60 24.64
CA ALA D 28 -9.68 -17.27 24.07
C ALA D 28 -11.14 -17.02 23.72
N PHE D 29 -11.96 -16.69 24.72
CA PHE D 29 -13.39 -16.54 24.51
C PHE D 29 -13.67 -15.59 23.35
N SER D 30 -12.94 -14.47 23.28
CA SER D 30 -13.21 -13.45 22.27
C SER D 30 -13.12 -14.00 20.85
N SER D 31 -12.33 -15.05 20.63
CA SER D 31 -12.15 -15.62 19.30
C SER D 31 -13.05 -16.82 19.06
N PHE D 32 -13.91 -17.17 20.00
CA PHE D 32 -14.80 -18.32 19.90
C PHE D 32 -16.24 -17.87 19.70
N GLY D 33 -16.91 -18.47 18.72
CA GLY D 33 -18.35 -18.37 18.65
C GLY D 33 -19.01 -19.25 19.70
N MET D 34 -20.25 -18.93 20.03
CA MET D 34 -20.97 -19.62 21.09
C MET D 34 -22.33 -20.08 20.61
N HIS D 35 -22.78 -21.21 21.15
CA HIS D 35 -24.05 -21.83 20.80
C HIS D 35 -24.77 -22.25 22.06
N TRP D 36 -26.09 -22.35 21.95
CA TRP D 36 -26.94 -22.89 23.01
C TRP D 36 -27.67 -24.11 22.49
N VAL D 37 -27.71 -25.17 23.31
CA VAL D 37 -28.39 -26.41 22.94
C VAL D 37 -29.11 -26.93 24.17
N ARG D 38 -30.41 -27.18 24.05
CA ARG D 38 -31.19 -27.70 25.15
C ARG D 38 -31.49 -29.18 24.93
N GLN D 39 -32.02 -29.82 25.97
CA GLN D 39 -32.37 -31.23 25.91
C GLN D 39 -33.62 -31.45 26.76
N ALA D 40 -34.70 -31.89 26.13
CA ALA D 40 -35.96 -32.11 26.83
C ALA D 40 -35.73 -33.10 27.97
N PRO D 41 -36.70 -33.22 28.90
CA PRO D 41 -36.50 -34.09 30.05
C PRO D 41 -36.09 -35.50 29.67
N GLU D 42 -36.63 -36.03 28.57
CA GLU D 42 -36.24 -37.35 28.12
C GLU D 42 -36.04 -37.45 26.61
N LYS D 43 -36.19 -36.35 25.87
CA LYS D 43 -35.99 -36.37 24.43
C LYS D 43 -34.54 -36.05 24.11
N GLY D 44 -34.24 -35.82 22.83
CA GLY D 44 -32.88 -35.56 22.39
C GLY D 44 -32.49 -34.10 22.54
N LEU D 45 -31.54 -33.69 21.71
CA LEU D 45 -30.96 -32.35 21.78
C LEU D 45 -31.62 -31.44 20.75
N GLU D 46 -31.62 -30.14 21.06
CA GLU D 46 -32.26 -29.13 20.23
C GLU D 46 -31.43 -27.86 20.23
N TRP D 47 -30.98 -27.43 19.06
CA TRP D 47 -30.25 -26.17 18.95
C TRP D 47 -31.19 -25.01 19.27
N VAL D 48 -30.62 -23.92 19.79
CA VAL D 48 -31.44 -22.79 20.25
C VAL D 48 -30.97 -21.50 19.60
N ALA D 49 -29.69 -21.17 19.74
CA ALA D 49 -29.18 -19.88 19.31
C ALA D 49 -27.69 -19.98 19.00
N TYR D 50 -27.14 -18.90 18.45
CA TYR D 50 -25.73 -18.84 18.09
C TYR D 50 -25.33 -17.38 17.94
N ILE D 51 -24.18 -17.01 18.51
CA ILE D 51 -23.61 -15.67 18.37
C ILE D 51 -22.17 -15.81 17.87
N SER D 52 -21.83 -15.02 16.86
CA SER D 52 -20.53 -15.11 16.22
C SER D 52 -19.50 -14.24 16.95
N SER D 53 -18.23 -14.48 16.62
CA SER D 53 -17.15 -13.67 17.19
C SER D 53 -17.28 -12.22 16.74
N GLY D 54 -17.15 -11.30 17.70
CA GLY D 54 -17.38 -9.90 17.46
C GLY D 54 -18.85 -9.50 17.47
N SER D 55 -19.74 -10.44 17.75
CA SER D 55 -21.18 -10.16 17.80
C SER D 55 -21.68 -9.62 16.45
N GLY D 56 -21.00 -10.03 15.38
CA GLY D 56 -21.32 -9.52 14.05
C GLY D 56 -22.34 -10.37 13.33
N THR D 57 -22.59 -11.58 13.83
CA THR D 57 -23.56 -12.49 13.22
C THR D 57 -24.25 -13.27 14.33
N ILE D 58 -25.58 -13.26 14.32
CA ILE D 58 -26.39 -13.99 15.30
C ILE D 58 -27.46 -14.77 14.56
N TYR D 59 -27.74 -15.98 15.03
CA TYR D 59 -28.81 -16.80 14.52
C TYR D 59 -29.62 -17.37 15.68
N TYR D 60 -30.91 -17.60 15.44
CA TYR D 60 -31.81 -18.20 16.40
C TYR D 60 -32.52 -19.38 15.75
N ALA D 61 -33.40 -20.01 16.51
CA ALA D 61 -34.22 -21.12 16.01
C ALA D 61 -35.66 -20.65 15.85
N ASP D 62 -36.27 -21.02 14.73
CA ASP D 62 -37.66 -20.62 14.48
C ASP D 62 -38.57 -21.06 15.62
N THR D 63 -38.23 -22.16 16.29
CA THR D 63 -39.05 -22.63 17.41
C THR D 63 -39.08 -21.61 18.54
N VAL D 64 -38.02 -20.83 18.71
CA VAL D 64 -37.93 -19.87 19.81
C VAL D 64 -37.52 -18.51 19.29
N LYS D 65 -37.54 -18.33 17.97
CA LYS D 65 -37.16 -17.04 17.40
C LYS D 65 -38.19 -15.97 17.79
N GLY D 66 -37.69 -14.78 18.09
CA GLY D 66 -38.51 -13.66 18.47
C GLY D 66 -38.67 -13.49 19.97
N ARG D 67 -38.60 -14.58 20.73
CA ARG D 67 -38.74 -14.53 22.18
C ARG D 67 -37.43 -14.73 22.92
N PHE D 68 -36.42 -15.33 22.28
CA PHE D 68 -35.10 -15.51 22.87
C PHE D 68 -34.14 -14.47 22.30
N THR D 69 -33.14 -14.10 23.10
CA THR D 69 -32.08 -13.20 22.67
C THR D 69 -30.74 -13.76 23.15
N ILE D 70 -29.72 -13.67 22.29
CA ILE D 70 -28.39 -14.18 22.61
C ILE D 70 -27.39 -13.01 22.56
N SER D 71 -26.58 -12.89 23.60
CA SER D 71 -25.58 -11.83 23.66
C SER D 71 -24.32 -12.39 24.33
N ARG D 72 -23.27 -11.58 24.32
CA ARG D 72 -22.00 -12.01 24.90
C ARG D 72 -21.22 -10.81 25.40
N ASP D 73 -20.58 -10.98 26.56
CA ASP D 73 -19.68 -9.99 27.14
C ASP D 73 -18.28 -10.58 27.07
N ASP D 74 -17.56 -10.25 25.99
CA ASP D 74 -16.21 -10.79 25.80
C ASP D 74 -15.25 -10.33 26.89
N PRO D 75 -15.16 -9.04 27.24
CA PRO D 75 -14.29 -8.66 28.36
C PRO D 75 -14.64 -9.37 29.65
N LYS D 76 -15.92 -9.62 29.89
CA LYS D 76 -16.35 -10.39 31.04
C LYS D 76 -16.32 -11.89 30.79
N ASN D 77 -16.05 -12.31 29.56
CA ASN D 77 -15.97 -13.74 29.21
C ASN D 77 -17.24 -14.48 29.62
N THR D 78 -18.39 -13.95 29.19
CA THR D 78 -19.67 -14.55 29.53
C THR D 78 -20.59 -14.56 28.32
N LEU D 79 -21.51 -15.53 28.30
CA LEU D 79 -22.52 -15.66 27.26
C LEU D 79 -23.89 -15.64 27.92
N PHE D 80 -24.82 -14.89 27.32
CA PHE D 80 -26.13 -14.64 27.91
C PHE D 80 -27.24 -15.06 26.95
N LEU D 81 -28.29 -15.66 27.53
CA LEU D 81 -29.48 -16.05 26.79
C LEU D 81 -30.69 -15.53 27.55
N GLN D 82 -31.34 -14.50 27.01
CA GLN D 82 -32.53 -13.92 27.61
C GLN D 82 -33.75 -14.63 27.07
N MET D 83 -34.62 -15.09 27.97
CA MET D 83 -35.83 -15.80 27.62
C MET D 83 -37.04 -14.90 27.84
N THR D 84 -38.06 -15.09 26.99
CA THR D 84 -39.29 -14.30 27.10
C THR D 84 -40.45 -15.15 26.61
N SER D 85 -41.61 -14.99 27.27
CA SER D 85 -42.82 -15.72 26.92
C SER D 85 -42.56 -17.23 26.89
N LEU D 86 -42.16 -17.72 28.06
CA LEU D 86 -41.84 -19.13 28.20
C LEU D 86 -43.07 -19.99 27.93
N ARG D 87 -42.86 -21.09 27.22
CA ARG D 87 -43.91 -22.06 26.90
C ARG D 87 -43.60 -23.39 27.56
N SER D 88 -44.63 -24.23 27.65
CA SER D 88 -44.51 -25.54 28.29
C SER D 88 -43.53 -26.45 27.56
N GLU D 89 -43.17 -26.13 26.32
CA GLU D 89 -42.19 -26.91 25.58
C GLU D 89 -40.76 -26.42 25.81
N ASP D 90 -40.57 -25.40 26.66
CA ASP D 90 -39.26 -24.85 26.95
C ASP D 90 -38.66 -25.42 28.23
N THR D 91 -39.27 -26.46 28.80
CA THR D 91 -38.71 -27.14 29.96
C THR D 91 -37.68 -28.15 29.48
N ALA D 92 -36.43 -27.98 29.91
CA ALA D 92 -35.32 -28.77 29.37
C ALA D 92 -34.11 -28.58 30.27
N MET D 93 -32.97 -29.08 29.80
CA MET D 93 -31.66 -28.82 30.38
C MET D 93 -30.84 -28.10 29.32
N TYR D 94 -30.35 -26.91 29.65
CA TYR D 94 -29.70 -26.03 28.69
C TYR D 94 -28.19 -26.14 28.82
N TYR D 95 -27.50 -26.11 27.67
CA TYR D 95 -26.07 -26.27 27.57
C TYR D 95 -25.50 -25.16 26.69
N CYS D 96 -24.29 -24.72 27.02
CA CYS D 96 -23.56 -23.76 26.20
C CYS D 96 -22.35 -24.44 25.58
N VAL D 97 -22.06 -24.10 24.33
CA VAL D 97 -21.02 -24.77 23.56
C VAL D 97 -20.15 -23.72 22.89
N ARG D 98 -18.84 -23.95 22.89
CA ARG D 98 -17.89 -23.09 22.20
C ARG D 98 -17.52 -23.70 20.86
N SER D 99 -17.34 -22.85 19.85
CA SER D 99 -17.00 -23.30 18.51
C SER D 99 -16.25 -22.19 17.80
N ILE D 100 -15.00 -22.43 17.46
CA ILE D 100 -14.17 -21.51 16.70
C ILE D 100 -14.16 -21.97 15.25
N TYR D 101 -14.13 -21.02 14.32
CA TYR D 101 -14.29 -21.30 12.90
C TYR D 101 -13.12 -20.75 12.12
N TYR D 102 -12.33 -21.65 11.54
CA TYR D 102 -11.29 -21.33 10.58
C TYR D 102 -10.84 -22.64 9.96
N TYR D 103 -9.98 -22.55 8.94
CA TYR D 103 -9.56 -23.73 8.23
C TYR D 103 -8.95 -24.75 9.19
N GLY D 104 -9.41 -26.00 9.08
CA GLY D 104 -8.86 -27.07 9.88
C GLY D 104 -9.29 -27.08 11.33
N SER D 105 -10.22 -26.21 11.72
CA SER D 105 -10.63 -26.12 13.10
C SER D 105 -11.72 -27.15 13.41
N SER D 106 -11.98 -27.33 14.70
CA SER D 106 -12.95 -28.30 15.18
C SER D 106 -14.06 -27.59 15.95
N PRO D 107 -15.14 -27.19 15.29
CA PRO D 107 -16.24 -26.54 16.01
C PRO D 107 -16.94 -27.51 16.95
N PHE D 108 -17.65 -26.94 17.93
CA PHE D 108 -18.35 -27.71 18.95
C PHE D 108 -17.37 -28.57 19.76
N ASP D 109 -16.16 -28.07 19.93
CA ASP D 109 -15.11 -28.82 20.61
C ASP D 109 -15.47 -29.11 22.05
N PHE D 110 -15.99 -28.12 22.77
CA PHE D 110 -16.25 -28.25 24.20
C PHE D 110 -17.70 -27.89 24.49
N TRP D 111 -18.38 -28.78 25.21
CA TRP D 111 -19.71 -28.54 25.74
C TRP D 111 -19.57 -28.21 27.23
N GLY D 112 -20.69 -28.10 27.93
CA GLY D 112 -20.65 -27.79 29.34
C GLY D 112 -21.80 -28.44 30.09
N GLN D 113 -21.72 -28.37 31.41
CA GLN D 113 -22.79 -28.89 32.26
C GLN D 113 -23.96 -27.92 32.26
N GLY D 114 -25.16 -28.44 32.06
CA GLY D 114 -26.32 -27.63 31.79
C GLY D 114 -27.12 -27.26 33.04
N THR D 115 -28.12 -26.43 32.83
CA THR D 115 -29.01 -25.96 33.87
C THR D 115 -30.44 -26.38 33.57
N THR D 116 -31.16 -26.83 34.59
CA THR D 116 -32.51 -27.35 34.42
C THR D 116 -33.54 -26.22 34.51
N LEU D 117 -34.46 -26.19 33.55
CA LEU D 117 -35.57 -25.25 33.54
C LEU D 117 -36.87 -26.04 33.46
N THR D 118 -37.75 -25.82 34.41
CA THR D 118 -39.06 -26.47 34.45
C THR D 118 -40.14 -25.42 34.59
N VAL D 119 -41.17 -25.52 33.76
CA VAL D 119 -42.28 -24.57 33.74
C VAL D 119 -43.54 -25.34 34.08
N SER D 120 -44.26 -24.87 35.11
CA SER D 120 -45.50 -25.52 35.52
C SER D 120 -46.65 -25.10 34.61
N SER D 136 -37.64 -25.73 4.82
CA SER D 136 -37.70 -25.84 6.27
C SER D 136 -36.31 -26.04 6.87
N ASP D 137 -36.03 -27.23 7.40
CA ASP D 137 -34.75 -27.54 8.00
C ASP D 137 -34.25 -28.87 7.47
N ILE D 138 -32.93 -28.97 7.26
CA ILE D 138 -32.34 -30.24 6.87
C ILE D 138 -32.63 -31.27 7.95
N VAL D 139 -32.94 -32.49 7.53
CA VAL D 139 -33.42 -33.54 8.43
C VAL D 139 -32.46 -34.72 8.37
N MET D 140 -32.05 -35.20 9.54
CA MET D 140 -31.34 -36.46 9.69
C MET D 140 -31.96 -37.21 10.85
N THR D 141 -32.10 -38.53 10.70
CA THR D 141 -32.78 -39.36 11.67
C THR D 141 -31.93 -40.57 12.01
N GLN D 142 -32.10 -41.07 13.23
CA GLN D 142 -31.44 -42.28 13.70
C GLN D 142 -32.49 -43.37 13.81
N ALA D 143 -32.39 -44.38 12.94
CA ALA D 143 -33.40 -45.44 12.91
C ALA D 143 -33.43 -46.21 14.23
N THR D 144 -32.26 -46.52 14.77
CA THR D 144 -32.16 -47.33 15.98
C THR D 144 -32.21 -46.44 17.22
N SER D 145 -33.17 -46.70 18.10
CA SER D 145 -33.25 -46.02 19.38
C SER D 145 -32.57 -46.79 20.50
N SER D 146 -32.28 -48.08 20.31
CA SER D 146 -31.59 -48.89 21.29
C SER D 146 -30.83 -49.99 20.57
N VAL D 147 -29.58 -50.19 20.95
CA VAL D 147 -28.71 -51.17 20.30
C VAL D 147 -27.86 -51.86 21.36
N PRO D 148 -28.28 -53.01 21.88
CA PRO D 148 -27.45 -53.72 22.85
C PRO D 148 -26.09 -54.08 22.25
N VAL D 149 -25.04 -53.96 23.06
CA VAL D 149 -23.68 -54.24 22.65
C VAL D 149 -22.98 -55.03 23.74
N THR D 150 -21.89 -55.71 23.38
CA THR D 150 -21.09 -56.48 24.32
C THR D 150 -19.66 -55.97 24.34
N PRO D 151 -18.99 -56.00 25.49
CA PRO D 151 -17.61 -55.48 25.54
C PRO D 151 -16.69 -56.22 24.58
N GLY D 152 -15.77 -55.49 23.97
CA GLY D 152 -14.79 -56.04 23.07
C GLY D 152 -15.24 -56.21 21.63
N GLU D 153 -16.50 -55.90 21.33
CA GLU D 153 -17.04 -56.04 19.98
C GLU D 153 -16.93 -54.71 19.24
N SER D 154 -17.21 -54.75 17.95
CA SER D 154 -17.20 -53.57 17.10
C SER D 154 -18.64 -53.16 16.78
N VAL D 155 -18.94 -51.87 16.95
CA VAL D 155 -20.29 -51.35 16.74
C VAL D 155 -20.23 -50.26 15.69
N SER D 156 -21.09 -50.37 14.68
CA SER D 156 -21.22 -49.37 13.62
C SER D 156 -22.58 -48.71 13.74
N ILE D 157 -22.59 -47.39 13.90
CA ILE D 157 -23.81 -46.60 14.02
C ILE D 157 -23.86 -45.65 12.84
N SER D 158 -24.89 -45.77 12.02
CA SER D 158 -25.05 -44.93 10.84
C SER D 158 -26.27 -44.03 10.99
N CYS D 159 -26.15 -42.80 10.48
CA CYS D 159 -27.28 -41.86 10.47
C CYS D 159 -27.22 -41.07 9.18
N ARG D 160 -28.35 -41.01 8.48
CA ARG D 160 -28.45 -40.39 7.16
C ARG D 160 -29.20 -39.07 7.25
N SER D 161 -28.90 -38.18 6.31
CA SER D 161 -29.46 -36.84 6.26
C SER D 161 -30.40 -36.71 5.06
N SER D 162 -31.15 -35.59 5.05
CA SER D 162 -32.11 -35.37 3.97
C SER D 162 -31.40 -35.18 2.63
N LYS D 163 -30.37 -34.34 2.60
CA LYS D 163 -29.67 -33.98 1.38
C LYS D 163 -28.18 -34.25 1.55
N SER D 164 -27.40 -33.80 0.57
CA SER D 164 -25.96 -34.02 0.59
C SER D 164 -25.29 -32.95 1.45
N LEU D 165 -24.58 -33.38 2.49
CA LEU D 165 -23.85 -32.49 3.37
C LEU D 165 -22.49 -32.11 2.79
N LEU D 166 -22.12 -32.67 1.65
CA LEU D 166 -20.89 -32.29 0.96
C LEU D 166 -21.09 -30.94 0.28
N HIS D 167 -20.10 -30.07 0.41
CA HIS D 167 -20.14 -28.72 -0.13
C HIS D 167 -19.12 -28.58 -1.25
N SER D 168 -19.18 -27.46 -1.96
CA SER D 168 -18.22 -27.17 -3.01
C SER D 168 -16.79 -27.10 -2.48
N ASN D 169 -16.62 -26.79 -1.19
CA ASN D 169 -15.29 -26.72 -0.60
C ASN D 169 -14.76 -28.08 -0.16
N GLY D 170 -15.58 -29.14 -0.24
CA GLY D 170 -15.12 -30.48 0.02
C GLY D 170 -15.34 -30.98 1.43
N ASN D 171 -16.13 -30.30 2.24
CA ASN D 171 -16.36 -30.68 3.63
C ASN D 171 -17.74 -31.33 3.78
N THR D 172 -17.76 -32.44 4.52
CA THR D 172 -19.00 -33.14 4.86
C THR D 172 -19.32 -32.82 6.30
N TYR D 173 -20.31 -31.95 6.51
CA TYR D 173 -20.60 -31.38 7.82
C TYR D 173 -21.47 -32.34 8.63
N LEU D 174 -20.81 -33.28 9.29
CA LEU D 174 -21.46 -34.15 10.26
C LEU D 174 -20.61 -34.23 11.51
N TYR D 175 -21.25 -34.09 12.67
CA TYR D 175 -20.59 -34.09 13.97
C TYR D 175 -21.22 -35.15 14.86
N TRP D 176 -20.38 -35.83 15.64
CA TRP D 176 -20.83 -36.91 16.51
C TRP D 176 -20.57 -36.54 17.97
N PHE D 177 -21.58 -36.74 18.81
CA PHE D 177 -21.45 -36.49 20.24
C PHE D 177 -21.94 -37.68 21.03
N LEU D 178 -21.28 -37.94 22.16
CA LEU D 178 -21.65 -39.00 23.08
C LEU D 178 -22.10 -38.38 24.40
N GLN D 179 -23.25 -38.81 24.88
CA GLN D 179 -23.82 -38.35 26.15
C GLN D 179 -23.95 -39.56 27.07
N ARG D 180 -22.99 -39.73 27.96
CA ARG D 180 -23.03 -40.77 28.97
C ARG D 180 -23.98 -40.37 30.08
N PRO D 181 -24.53 -41.34 30.82
CA PRO D 181 -25.53 -40.99 31.85
C PRO D 181 -24.94 -40.03 32.88
N GLY D 182 -25.73 -39.03 33.25
CA GLY D 182 -25.28 -38.01 34.18
C GLY D 182 -24.06 -37.24 33.70
N GLN D 183 -24.00 -36.92 32.41
CA GLN D 183 -22.86 -36.24 31.83
C GLN D 183 -23.32 -35.42 30.62
N SER D 184 -22.47 -34.44 30.25
CA SER D 184 -22.74 -33.57 29.11
C SER D 184 -22.23 -34.22 27.81
N PRO D 185 -22.83 -33.88 26.67
CA PRO D 185 -22.33 -34.42 25.40
C PRO D 185 -20.87 -34.03 25.17
N GLN D 186 -20.15 -34.95 24.53
CA GLN D 186 -18.74 -34.73 24.21
C GLN D 186 -18.50 -35.11 22.76
N LEU D 187 -17.78 -34.26 22.04
CA LEU D 187 -17.52 -34.46 20.62
C LEU D 187 -16.55 -35.62 20.41
N LEU D 188 -16.79 -36.38 19.33
CA LEU D 188 -15.93 -37.50 18.99
C LEU D 188 -15.29 -37.30 17.61
N ILE D 189 -16.11 -37.05 16.59
CA ILE D 189 -15.65 -36.86 15.23
C ILE D 189 -16.31 -35.61 14.68
N TYR D 190 -15.53 -34.75 14.04
CA TYR D 190 -16.05 -33.53 13.43
C TYR D 190 -15.83 -33.58 11.93
N ARG D 191 -16.75 -32.95 11.20
CA ARG D 191 -16.79 -32.97 9.74
C ARG D 191 -16.77 -34.39 9.20
N MET D 192 -17.32 -35.33 9.97
CA MET D 192 -17.62 -36.67 9.49
C MET D 192 -16.36 -37.51 9.28
N SER D 193 -15.18 -36.92 9.46
CA SER D 193 -13.94 -37.63 9.15
C SER D 193 -12.78 -37.34 10.09
N ASN D 194 -12.81 -36.28 10.90
CA ASN D 194 -11.64 -35.88 11.65
C ASN D 194 -11.83 -36.09 13.15
N LEU D 195 -10.87 -36.78 13.76
CA LEU D 195 -10.92 -37.05 15.18
C LEU D 195 -10.71 -35.78 15.99
N ALA D 196 -11.02 -35.85 17.27
CA ALA D 196 -10.90 -34.72 18.19
C ALA D 196 -9.71 -34.98 19.12
N SER D 197 -9.51 -34.07 20.07
CA SER D 197 -8.44 -34.16 21.04
C SER D 197 -8.97 -34.80 22.32
N GLY D 198 -8.20 -35.74 22.87
CA GLY D 198 -8.58 -36.43 24.08
C GLY D 198 -9.48 -37.63 23.88
N VAL D 199 -9.88 -37.91 22.65
CA VAL D 199 -10.76 -39.04 22.34
C VAL D 199 -9.89 -40.20 21.88
N PRO D 200 -10.05 -41.41 22.43
CA PRO D 200 -9.22 -42.53 21.98
C PRO D 200 -9.43 -42.82 20.50
N ASP D 201 -8.38 -43.35 19.88
CA ASP D 201 -8.38 -43.58 18.43
C ASP D 201 -9.38 -44.66 18.03
N ARG D 202 -9.92 -45.39 19.00
CA ARG D 202 -10.84 -46.47 18.67
C ARG D 202 -12.05 -45.97 17.88
N PHE D 203 -12.51 -44.75 18.17
CA PHE D 203 -13.61 -44.15 17.41
C PHE D 203 -13.13 -43.70 16.05
N SER D 204 -13.99 -43.85 15.04
CA SER D 204 -13.68 -43.38 13.70
C SER D 204 -15.00 -43.12 12.99
N GLY D 205 -14.91 -42.38 11.87
CA GLY D 205 -16.09 -42.07 11.09
C GLY D 205 -15.75 -42.05 9.61
N SER D 206 -16.78 -42.23 8.79
CA SER D 206 -16.59 -42.24 7.34
C SER D 206 -17.97 -42.21 6.68
N GLY D 207 -17.96 -42.25 5.35
CA GLY D 207 -19.18 -42.31 4.60
C GLY D 207 -19.06 -41.54 3.30
N SER D 208 -20.17 -41.52 2.56
CA SER D 208 -20.29 -40.73 1.34
C SER D 208 -21.57 -39.92 1.41
N GLY D 209 -21.95 -39.30 0.29
CA GLY D 209 -23.12 -38.44 0.25
C GLY D 209 -24.36 -39.06 0.88
N THR D 210 -24.81 -38.49 1.99
CA THR D 210 -26.07 -38.87 2.62
C THR D 210 -25.97 -40.19 3.37
N ALA D 211 -24.83 -40.87 3.28
CA ALA D 211 -24.61 -42.15 3.94
C ALA D 211 -23.43 -41.99 4.89
N PHE D 212 -23.71 -41.83 6.18
CA PHE D 212 -22.70 -41.50 7.17
C PHE D 212 -22.68 -42.56 8.26
N THR D 213 -21.48 -43.09 8.56
CA THR D 213 -21.31 -44.16 9.53
C THR D 213 -20.18 -43.81 10.50
N LEU D 214 -20.33 -44.30 11.73
CA LEU D 214 -19.35 -44.14 12.79
C LEU D 214 -19.03 -45.51 13.36
N THR D 215 -17.75 -45.87 13.36
CA THR D 215 -17.30 -47.18 13.80
C THR D 215 -16.57 -47.07 15.13
N ILE D 216 -16.82 -48.04 16.00
CA ILE D 216 -16.08 -48.18 17.25
C ILE D 216 -15.56 -49.61 17.29
N SER D 217 -14.24 -49.76 17.30
CA SER D 217 -13.59 -51.06 17.37
C SER D 217 -13.01 -51.27 18.77
N ARG D 218 -13.14 -52.50 19.26
CA ARG D 218 -12.70 -52.84 20.62
C ARG D 218 -13.46 -52.02 21.65
N LEU D 219 -14.78 -52.14 21.61
CA LEU D 219 -15.63 -51.40 22.54
C LEU D 219 -15.27 -51.73 23.98
N GLU D 220 -15.18 -50.70 24.80
CA GLU D 220 -14.78 -50.83 26.20
C GLU D 220 -15.77 -50.11 27.09
N ALA D 221 -15.58 -50.30 28.41
CA ALA D 221 -16.41 -49.61 29.38
C ALA D 221 -16.13 -48.11 29.34
N GLU D 222 -17.04 -47.34 29.94
CA GLU D 222 -17.03 -45.88 29.92
C GLU D 222 -17.41 -45.34 28.54
N ASP D 223 -17.82 -46.21 27.61
CA ASP D 223 -18.28 -45.83 26.29
C ASP D 223 -19.76 -46.17 26.12
N VAL D 224 -20.54 -45.95 27.18
CA VAL D 224 -21.97 -46.24 27.20
C VAL D 224 -22.72 -44.93 27.30
N GLY D 225 -23.68 -44.73 26.41
CA GLY D 225 -24.45 -43.50 26.39
C GLY D 225 -25.24 -43.37 25.12
N VAL D 226 -25.67 -42.15 24.82
CA VAL D 226 -26.47 -41.84 23.64
C VAL D 226 -25.59 -41.12 22.62
N TYR D 227 -25.62 -41.60 21.39
CA TYR D 227 -24.89 -41.00 20.29
C TYR D 227 -25.85 -40.09 19.52
N TYR D 228 -25.40 -38.86 19.26
CA TYR D 228 -26.17 -37.88 18.50
C TYR D 228 -25.34 -37.42 17.31
N CYS D 229 -25.97 -37.34 16.14
CA CYS D 229 -25.33 -36.83 14.94
C CYS D 229 -25.97 -35.50 14.55
N MET D 230 -25.13 -34.53 14.22
CA MET D 230 -25.55 -33.17 13.93
C MET D 230 -24.97 -32.73 12.60
N GLN D 231 -25.60 -31.73 11.99
CA GLN D 231 -25.11 -31.12 10.76
C GLN D 231 -24.88 -29.63 11.00
N HIS D 232 -24.00 -29.06 10.17
CA HIS D 232 -23.66 -27.65 10.27
C HIS D 232 -23.67 -26.94 8.93
N LEU D 233 -24.14 -27.60 7.86
CA LEU D 233 -24.11 -26.98 6.54
C LEU D 233 -24.87 -25.67 6.52
N GLU D 234 -26.05 -25.65 7.12
CA GLU D 234 -26.86 -24.44 7.18
C GLU D 234 -27.77 -24.50 8.38
N TYR D 235 -28.03 -23.35 8.98
CA TYR D 235 -28.91 -23.27 10.14
C TYR D 235 -30.36 -23.51 9.73
N PRO D 236 -31.21 -23.96 10.66
CA PRO D 236 -30.93 -24.29 12.07
C PRO D 236 -30.11 -25.55 12.22
N LEU D 237 -29.39 -25.69 13.34
CA LEU D 237 -28.60 -26.89 13.60
C LEU D 237 -29.53 -27.96 14.17
N THR D 238 -29.69 -29.06 13.44
CA THR D 238 -30.65 -30.10 13.79
C THR D 238 -29.91 -31.30 14.37
N PHE D 239 -30.49 -31.92 15.39
CA PHE D 239 -29.95 -33.10 16.03
C PHE D 239 -30.75 -34.33 15.63
N GLY D 240 -30.13 -35.50 15.76
CA GLY D 240 -30.81 -36.76 15.56
C GLY D 240 -31.61 -37.16 16.79
N ALA D 241 -32.34 -38.26 16.65
CA ALA D 241 -33.14 -38.78 17.74
C ALA D 241 -32.30 -39.31 18.89
N GLY D 242 -31.13 -39.85 18.61
CA GLY D 242 -30.25 -40.37 19.64
C GLY D 242 -30.26 -41.88 19.73
N THR D 243 -29.12 -42.50 19.47
CA THR D 243 -28.97 -43.96 19.51
C THR D 243 -28.35 -44.33 20.84
N LYS D 244 -29.08 -45.11 21.65
CA LYS D 244 -28.62 -45.46 22.99
C LYS D 244 -28.03 -46.86 22.97
N LEU D 245 -26.86 -47.02 23.58
CA LEU D 245 -26.16 -48.29 23.67
C LEU D 245 -26.23 -48.79 25.11
N GLU D 246 -26.62 -50.05 25.28
CA GLU D 246 -26.75 -50.66 26.59
C GLU D 246 -25.94 -51.95 26.64
N LEU D 247 -25.42 -52.25 27.83
CA LEU D 247 -24.64 -53.47 28.03
C LEU D 247 -25.50 -54.71 27.81
N SER E 1 -10.84 42.09 -11.01
CA SER E 1 -12.06 41.29 -11.32
C SER E 1 -11.70 39.97 -11.95
N VAL E 2 -12.63 39.02 -11.91
CA VAL E 2 -12.43 37.74 -12.59
C VAL E 2 -12.76 37.93 -14.07
N SER E 3 -11.75 37.78 -14.92
CA SER E 3 -11.90 38.12 -16.33
C SER E 3 -12.91 37.21 -17.02
N GLU E 4 -12.91 35.93 -16.67
CA GLU E 4 -13.84 35.00 -17.32
C GLU E 4 -15.29 35.39 -17.05
N ILE E 5 -15.59 35.80 -15.82
CA ILE E 5 -16.94 36.27 -15.51
C ILE E 5 -17.22 37.58 -16.22
N GLN E 6 -16.27 38.51 -16.18
CA GLN E 6 -16.47 39.82 -16.78
C GLN E 6 -16.76 39.71 -18.27
N LEU E 7 -16.10 38.78 -18.96
CA LEU E 7 -16.36 38.60 -20.38
C LEU E 7 -17.80 38.16 -20.63
N MET E 8 -18.32 37.25 -19.79
CA MET E 8 -19.72 36.86 -19.93
C MET E 8 -20.65 38.03 -19.66
N HIS E 9 -20.37 38.81 -18.62
CA HIS E 9 -21.20 39.95 -18.30
C HIS E 9 -21.17 40.99 -19.39
N ASN E 10 -19.98 41.28 -19.95
CA ASN E 10 -19.86 42.24 -21.03
C ASN E 10 -20.46 41.72 -22.33
N LEU E 11 -20.26 40.44 -22.64
CA LEU E 11 -20.85 39.87 -23.85
C LEU E 11 -22.37 39.86 -23.77
N GLY E 12 -22.92 39.58 -22.59
CA GLY E 12 -24.37 39.62 -22.45
C GLY E 12 -24.92 41.02 -22.64
N LYS E 13 -24.29 42.01 -22.01
CA LYS E 13 -24.73 43.39 -22.20
C LYS E 13 -24.58 43.83 -23.65
N HIS E 14 -23.52 43.41 -24.31
CA HIS E 14 -23.35 43.76 -25.72
C HIS E 14 -24.49 43.19 -26.56
N LEU E 15 -24.84 41.93 -26.33
CA LEU E 15 -25.93 41.32 -27.11
C LEU E 15 -27.28 41.90 -26.73
N ASN E 16 -27.47 42.26 -25.45
CA ASN E 16 -28.72 42.88 -25.04
C ASN E 16 -28.92 44.22 -25.75
N SER E 17 -27.86 45.02 -25.85
CA SER E 17 -27.95 46.30 -26.55
C SER E 17 -28.08 46.11 -28.05
N MET E 18 -27.53 45.04 -28.62
CA MET E 18 -27.65 44.81 -30.05
C MET E 18 -29.08 44.44 -30.43
N GLU E 19 -29.73 43.58 -29.65
CA GLU E 19 -31.12 43.23 -29.94
C GLU E 19 -32.03 44.44 -29.81
N ARG E 20 -31.78 45.29 -28.81
CA ARG E 20 -32.56 46.51 -28.66
C ARG E 20 -32.37 47.42 -29.87
N VAL E 21 -31.15 47.51 -30.38
CA VAL E 21 -30.89 48.35 -31.55
C VAL E 21 -31.55 47.75 -32.79
N GLU E 22 -31.52 46.43 -32.91
CA GLU E 22 -32.19 45.79 -34.04
C GLU E 22 -33.68 46.05 -34.02
N TRP E 23 -34.29 45.97 -32.84
CA TRP E 23 -35.72 46.26 -32.72
C TRP E 23 -36.02 47.70 -33.12
N LEU E 24 -35.30 48.65 -32.51
CA LEU E 24 -35.54 50.06 -32.82
C LEU E 24 -35.25 50.35 -34.28
N ARG E 25 -34.22 49.71 -34.83
CA ARG E 25 -33.92 49.88 -36.26
C ARG E 25 -35.10 49.47 -37.11
N LYS E 26 -35.70 48.32 -36.79
CA LYS E 26 -36.90 47.88 -37.50
C LYS E 26 -38.07 48.82 -37.23
N LYS E 27 -38.23 49.26 -35.98
CA LYS E 27 -39.32 50.15 -35.64
C LYS E 27 -39.23 51.45 -36.43
N LEU E 28 -38.02 51.96 -36.62
CA LEU E 28 -37.83 53.17 -37.42
C LEU E 28 -38.27 52.95 -38.86
N GLN E 29 -37.98 51.77 -39.41
CA GLN E 29 -38.36 51.48 -40.79
C GLN E 29 -39.88 51.56 -40.95
N ASP E 30 -40.63 51.09 -39.96
CA ASP E 30 -42.09 51.21 -40.02
C ASP E 30 -42.51 52.68 -40.07
N VAL E 31 -41.82 53.54 -39.31
CA VAL E 31 -42.10 54.96 -39.37
C VAL E 31 -41.88 55.48 -40.79
N HIS E 32 -40.84 54.99 -41.46
CA HIS E 32 -40.58 55.41 -42.83
C HIS E 32 -41.72 55.02 -43.75
N ASN E 33 -42.30 53.84 -43.55
CA ASN E 33 -43.40 53.37 -44.39
C ASN E 33 -44.71 54.04 -44.01
N PHE E 34 -44.85 54.41 -42.74
CA PHE E 34 -46.08 55.08 -42.25
C PHE E 34 -46.25 56.39 -42.93
N MET F 6 -31.36 49.43 -19.92
CA MET F 6 -32.67 48.78 -20.18
C MET F 6 -32.48 47.54 -21.06
N THR F 7 -33.59 46.91 -21.43
CA THR F 7 -33.56 45.69 -22.24
C THR F 7 -34.54 45.82 -23.38
N LYS F 8 -34.49 44.85 -24.29
CA LYS F 8 -35.41 44.84 -25.43
C LYS F 8 -36.85 44.73 -24.95
N GLU F 9 -37.12 43.78 -24.04
CA GLU F 9 -38.49 43.56 -23.59
C GLU F 9 -39.03 44.80 -22.87
N GLU F 10 -38.22 45.44 -22.04
CA GLU F 10 -38.65 46.65 -21.35
C GLU F 10 -38.99 47.74 -22.36
N GLN F 11 -38.15 47.90 -23.39
CA GLN F 11 -38.41 48.93 -24.40
C GLN F 11 -39.71 48.65 -25.14
N ILE F 12 -39.95 47.39 -25.50
CA ILE F 12 -41.20 47.05 -26.19
C ILE F 12 -42.39 47.38 -25.30
N PHE F 13 -42.29 47.07 -24.01
CA PHE F 13 -43.37 47.40 -23.08
C PHE F 13 -43.58 48.91 -23.02
N LEU F 14 -42.49 49.68 -22.92
CA LEU F 14 -42.61 51.12 -22.82
C LEU F 14 -43.27 51.71 -24.07
N LEU F 15 -42.88 51.23 -25.24
CA LEU F 15 -43.48 51.72 -26.47
C LEU F 15 -44.97 51.41 -26.52
N HIS F 16 -45.37 50.22 -26.09
CA HIS F 16 -46.79 49.88 -26.05
C HIS F 16 -47.54 50.79 -25.09
N ARG F 17 -46.94 51.09 -23.94
CA ARG F 17 -47.58 52.01 -22.99
C ARG F 17 -47.76 53.38 -23.63
N ALA F 18 -46.75 53.87 -24.36
CA ALA F 18 -46.86 55.16 -25.02
C ALA F 18 -47.96 55.13 -26.06
N GLN F 19 -48.09 54.02 -26.81
CA GLN F 19 -49.13 53.92 -27.81
C GLN F 19 -50.52 54.04 -27.19
N ALA F 20 -50.74 53.34 -26.08
CA ALA F 20 -52.02 53.44 -25.39
C ALA F 20 -52.24 54.85 -24.87
N GLN F 21 -51.20 55.48 -24.31
CA GLN F 21 -51.34 56.86 -23.83
C GLN F 21 -51.68 57.80 -24.97
N CYS F 22 -51.05 57.62 -26.14
CA CYS F 22 -51.38 58.43 -27.29
C CYS F 22 -52.84 58.24 -27.70
N GLU F 23 -53.34 57.01 -27.63
CA GLU F 23 -54.74 56.76 -27.93
C GLU F 23 -55.65 57.49 -26.95
N LYS F 24 -55.28 57.50 -25.67
CA LYS F 24 -56.08 58.22 -24.68
C LYS F 24 -56.13 59.70 -24.99
N ARG F 25 -55.00 60.29 -25.41
CA ARG F 25 -55.00 61.69 -25.78
C ARG F 25 -55.91 61.96 -26.96
N LEU F 26 -55.91 61.06 -27.95
CA LEU F 26 -56.78 61.25 -29.11
C LEU F 26 -58.25 61.26 -28.71
N LYS F 27 -58.64 60.35 -27.81
CA LYS F 27 -60.02 60.31 -27.37
C LYS F 27 -60.40 61.60 -26.63
N GLU F 28 -59.51 62.09 -25.78
CA GLU F 28 -59.76 63.33 -25.05
C GLU F 28 -59.77 64.53 -25.98
N CYS F 82 -53.41 70.42 -38.31
CA CYS F 82 -53.38 68.97 -38.50
C CYS F 82 -53.85 68.25 -37.24
N LEU F 83 -54.17 66.95 -37.39
CA LEU F 83 -54.68 66.17 -36.27
C LEU F 83 -53.59 65.26 -35.72
N PRO F 84 -53.63 64.94 -34.42
CA PRO F 84 -52.64 64.03 -33.86
C PRO F 84 -52.80 62.62 -34.41
N GLU F 85 -51.69 61.89 -34.48
CA GLU F 85 -51.71 60.51 -34.95
C GLU F 85 -50.50 59.78 -34.38
N TRP F 86 -50.59 58.46 -34.38
CA TRP F 86 -49.52 57.61 -33.86
C TRP F 86 -48.75 56.99 -35.01
N ASP F 87 -47.43 57.18 -35.02
CA ASP F 87 -46.56 56.69 -36.06
C ASP F 87 -45.68 55.52 -35.60
N HIS F 88 -46.12 54.77 -34.60
CA HIS F 88 -45.43 53.60 -34.08
C HIS F 88 -44.22 53.96 -33.23
N ILE F 89 -43.84 55.23 -33.18
CA ILE F 89 -42.80 55.67 -32.27
C ILE F 89 -43.27 56.90 -31.51
N LEU F 90 -43.73 57.92 -32.24
CA LEU F 90 -44.07 59.22 -31.67
C LEU F 90 -45.56 59.45 -31.75
N CYS F 91 -46.03 60.40 -30.94
CA CYS F 91 -47.42 60.85 -30.93
C CYS F 91 -47.41 62.34 -31.23
N TRP F 92 -47.46 62.68 -32.52
CA TRP F 92 -47.34 64.08 -32.92
C TRP F 92 -48.57 64.87 -32.48
N PRO F 93 -48.41 66.16 -32.22
CA PRO F 93 -49.53 66.98 -31.75
C PRO F 93 -50.44 67.39 -32.91
N LEU F 94 -51.45 68.19 -32.58
CA LEU F 94 -52.39 68.68 -33.57
C LEU F 94 -51.79 69.85 -34.35
N VAL F 100 -43.53 73.92 -40.74
CA VAL F 100 -42.87 72.68 -40.34
C VAL F 100 -43.07 72.45 -38.85
N VAL F 101 -43.54 71.25 -38.50
CA VAL F 101 -43.80 70.88 -37.12
C VAL F 101 -42.60 70.10 -36.60
N ALA F 102 -42.05 70.53 -35.47
CA ALA F 102 -40.90 69.90 -34.85
C ALA F 102 -41.31 69.33 -33.50
N VAL F 103 -41.00 68.05 -33.29
CA VAL F 103 -41.33 67.37 -32.03
C VAL F 103 -40.03 66.84 -31.43
N PRO F 104 -39.79 67.02 -30.13
CA PRO F 104 -38.56 66.48 -29.53
C PRO F 104 -38.48 64.97 -29.69
N CYS F 105 -37.27 64.46 -29.84
CA CYS F 105 -37.06 63.03 -29.96
C CYS F 105 -37.65 62.33 -28.75
N PRO F 106 -38.42 61.26 -28.92
CA PRO F 106 -39.10 60.66 -27.77
C PRO F 106 -38.13 60.24 -26.68
N ASP F 107 -38.56 60.42 -25.43
CA ASP F 107 -37.74 60.08 -24.27
C ASP F 107 -37.87 58.61 -23.88
N TYR F 108 -38.78 57.86 -24.49
CA TYR F 108 -38.95 56.45 -24.18
C TYR F 108 -38.16 55.53 -25.11
N ILE F 109 -37.46 56.09 -26.09
CA ILE F 109 -36.59 55.30 -26.97
C ILE F 109 -35.19 55.42 -26.41
N TYR F 110 -34.63 54.28 -25.99
CA TYR F 110 -33.37 54.30 -25.23
C TYR F 110 -32.22 54.82 -26.09
N ASP F 111 -32.15 54.38 -27.35
CA ASP F 111 -31.01 54.68 -28.20
C ASP F 111 -31.17 55.95 -29.01
N PHE F 112 -32.27 56.68 -28.82
CA PHE F 112 -32.48 57.93 -29.54
C PHE F 112 -31.64 59.05 -28.94
N ASN F 113 -31.36 60.06 -29.77
CA ASN F 113 -30.69 61.28 -29.35
C ASN F 113 -31.76 62.25 -28.86
N HIS F 114 -31.75 62.54 -27.56
CA HIS F 114 -32.75 63.39 -26.95
C HIS F 114 -32.41 64.87 -27.05
N LYS F 115 -31.29 65.21 -27.69
CA LYS F 115 -30.87 66.59 -27.87
C LYS F 115 -31.41 67.21 -29.15
N GLY F 116 -32.20 66.48 -29.92
CA GLY F 116 -32.74 66.99 -31.16
C GLY F 116 -34.25 66.83 -31.26
N HIS F 117 -34.77 66.85 -32.49
CA HIS F 117 -36.20 66.72 -32.72
C HIS F 117 -36.43 66.22 -34.14
N ALA F 118 -37.63 65.73 -34.38
CA ALA F 118 -38.06 65.25 -35.69
C ALA F 118 -38.97 66.28 -36.32
N TYR F 119 -38.77 66.54 -37.62
CA TYR F 119 -39.47 67.61 -38.32
C TYR F 119 -40.56 67.02 -39.22
N ARG F 120 -41.78 67.53 -39.07
CA ARG F 120 -42.89 67.19 -39.94
C ARG F 120 -43.34 68.43 -40.70
N ARG F 121 -44.32 68.26 -41.58
CA ARG F 121 -44.84 69.35 -42.40
C ARG F 121 -46.36 69.28 -42.40
N CYS F 122 -46.99 70.37 -41.96
CA CYS F 122 -48.45 70.45 -41.93
C CYS F 122 -48.96 71.55 -42.85
N TRP F 128 -51.22 66.48 -42.63
CA TRP F 128 -49.78 66.24 -42.67
C TRP F 128 -49.32 66.04 -44.11
N GLU F 129 -48.20 66.66 -44.46
CA GLU F 129 -47.66 66.55 -45.80
C GLU F 129 -47.31 65.10 -46.11
N LEU F 130 -47.73 64.64 -47.30
CA LEU F 130 -47.43 63.30 -47.75
C LEU F 130 -46.14 63.28 -48.56
N VAL F 131 -45.56 62.09 -48.69
CA VAL F 131 -44.34 61.92 -49.45
C VAL F 131 -44.65 62.12 -50.93
N PRO F 132 -43.96 63.02 -51.63
CA PRO F 132 -44.22 63.19 -53.06
C PRO F 132 -44.08 61.88 -53.81
N GLY F 133 -45.10 61.56 -54.63
CA GLY F 133 -45.13 60.32 -55.37
C GLY F 133 -45.59 59.12 -54.59
N HIS F 134 -45.93 59.28 -53.31
CA HIS F 134 -46.38 58.19 -52.45
C HIS F 134 -47.50 58.69 -51.55
N ASN F 135 -48.18 57.73 -50.91
CA ASN F 135 -49.29 58.02 -50.02
C ASN F 135 -48.91 57.83 -48.55
N ARG F 136 -47.64 58.02 -48.21
CA ARG F 136 -47.14 57.86 -46.85
C ARG F 136 -46.77 59.22 -46.27
N THR F 137 -47.00 59.37 -44.97
CA THR F 137 -46.69 60.61 -44.27
C THR F 137 -45.20 60.86 -44.28
N TRP F 138 -44.81 62.14 -44.31
CA TRP F 138 -43.41 62.52 -44.35
C TRP F 138 -42.95 62.99 -42.98
N ALA F 139 -41.77 62.51 -42.57
CA ALA F 139 -41.15 62.92 -41.33
C ALA F 139 -39.65 62.76 -41.45
N ASN F 140 -38.92 63.50 -40.61
CA ASN F 140 -37.46 63.47 -40.60
C ASN F 140 -37.00 63.00 -39.22
N TYR F 141 -36.34 61.85 -39.17
CA TYR F 141 -35.84 61.27 -37.93
C TYR F 141 -34.32 61.25 -37.87
N SER F 142 -33.65 62.06 -38.71
CA SER F 142 -32.19 62.01 -38.77
C SER F 142 -31.55 62.37 -37.45
N GLU F 143 -32.06 63.42 -36.78
CA GLU F 143 -31.41 63.92 -35.58
C GLU F 143 -31.41 62.88 -34.47
N CYS F 144 -32.53 62.18 -34.27
CA CYS F 144 -32.63 61.24 -33.16
C CYS F 144 -31.67 60.06 -33.34
N VAL F 145 -31.29 59.74 -34.58
CA VAL F 145 -30.47 58.56 -34.86
C VAL F 145 -29.00 58.93 -35.06
N LYS F 146 -28.57 60.10 -34.56
CA LYS F 146 -27.20 60.53 -34.78
C LYS F 146 -26.20 59.59 -34.13
N PHE F 147 -26.49 59.08 -32.94
CA PHE F 147 -25.55 58.28 -32.17
C PHE F 147 -25.50 56.82 -32.59
N LEU F 148 -26.48 56.35 -33.35
CA LEU F 148 -26.51 54.94 -33.77
C LEU F 148 -25.28 54.64 -34.62
N THR F 149 -24.60 53.54 -34.31
CA THR F 149 -23.37 53.15 -34.99
C THR F 149 -23.48 51.68 -35.38
N ASN F 150 -23.27 51.39 -36.67
CA ASN F 150 -23.24 50.02 -37.17
C ASN F 150 -21.79 49.54 -37.20
N GLU F 151 -21.21 49.44 -36.01
CA GLU F 151 -19.80 49.11 -35.83
C GLU F 151 -19.68 47.73 -35.19
N THR F 152 -18.90 46.86 -35.81
CA THR F 152 -18.66 45.51 -35.32
C THR F 152 -17.32 45.38 -34.60
N ARG F 153 -16.68 46.49 -34.27
CA ARG F 153 -15.38 46.45 -33.61
C ARG F 153 -15.45 45.70 -32.29
N GLU F 154 -16.41 46.07 -31.44
CA GLU F 154 -16.49 45.44 -30.12
C GLU F 154 -16.78 43.96 -30.22
N ARG F 155 -17.71 43.56 -31.10
CA ARG F 155 -18.03 42.15 -31.24
C ARG F 155 -16.86 41.35 -31.77
N GLU F 156 -16.08 41.91 -32.68
CA GLU F 156 -14.92 41.20 -33.20
C GLU F 156 -13.91 40.91 -32.10
N VAL F 157 -13.69 41.87 -31.21
CA VAL F 157 -12.81 41.64 -30.07
C VAL F 157 -13.37 40.54 -29.18
N PHE F 158 -14.68 40.53 -28.96
CA PHE F 158 -15.30 39.48 -28.17
C PHE F 158 -15.07 38.12 -28.81
N ASP F 159 -15.26 38.02 -30.13
CA ASP F 159 -15.09 36.74 -30.81
C ASP F 159 -13.64 36.26 -30.71
N ARG F 160 -12.68 37.17 -30.88
CA ARG F 160 -11.28 36.78 -30.79
C ARG F 160 -10.94 36.25 -29.40
N LEU F 161 -11.44 36.93 -28.36
CA LEU F 161 -11.25 36.44 -27.00
C LEU F 161 -11.93 35.10 -26.78
N GLY F 162 -13.02 34.83 -27.48
CA GLY F 162 -13.66 33.54 -27.40
C GLY F 162 -12.79 32.45 -27.99
N MET F 163 -12.08 32.76 -29.08
CA MET F 163 -11.20 31.78 -29.69
C MET F 163 -10.00 31.47 -28.83
N ILE F 164 -9.48 32.46 -28.10
CA ILE F 164 -8.27 32.25 -27.31
C ILE F 164 -8.53 31.22 -26.21
N TYR F 165 -9.58 31.42 -25.41
CA TYR F 165 -9.80 30.53 -24.28
C TYR F 165 -10.36 29.19 -24.73
N THR F 166 -11.05 29.14 -25.88
CA THR F 166 -11.52 27.86 -26.40
C THR F 166 -10.36 26.96 -26.78
N VAL F 167 -9.32 27.53 -27.40
CA VAL F 167 -8.15 26.73 -27.76
C VAL F 167 -7.37 26.33 -26.52
N GLY F 168 -7.15 27.27 -25.61
CA GLY F 168 -6.34 26.98 -24.44
C GLY F 168 -6.98 25.98 -23.51
N TYR F 169 -8.28 26.14 -23.24
CA TYR F 169 -8.97 25.17 -22.41
C TYR F 169 -9.09 23.83 -23.12
N SER F 170 -9.04 23.84 -24.45
CA SER F 170 -9.08 22.58 -25.19
C SER F 170 -7.81 21.78 -24.95
N VAL F 171 -6.64 22.42 -25.09
CA VAL F 171 -5.39 21.72 -24.82
C VAL F 171 -5.22 21.46 -23.33
N SER F 172 -5.62 22.42 -22.50
CA SER F 172 -5.52 22.21 -21.05
C SER F 172 -6.40 21.06 -20.60
N LEU F 173 -7.62 20.97 -21.13
CA LEU F 173 -8.50 19.87 -20.79
C LEU F 173 -7.95 18.55 -21.29
N ALA F 174 -7.41 18.53 -22.52
CA ALA F 174 -6.91 17.28 -23.09
C ALA F 174 -5.75 16.73 -22.28
N SER F 175 -4.82 17.59 -21.87
CA SER F 175 -3.62 17.12 -21.18
C SER F 175 -3.91 16.70 -19.75
N LEU F 176 -4.82 17.39 -19.08
CA LEU F 176 -5.12 17.07 -17.69
C LEU F 176 -5.96 15.80 -17.57
N THR F 177 -6.75 15.47 -18.59
CA THR F 177 -7.46 14.21 -18.60
C THR F 177 -6.47 13.05 -18.56
N VAL F 178 -5.39 13.16 -19.34
CA VAL F 178 -4.34 12.16 -19.28
C VAL F 178 -3.64 12.20 -17.93
N ALA F 179 -3.44 13.39 -17.38
CA ALA F 179 -2.71 13.52 -16.12
C ALA F 179 -3.46 12.86 -14.98
N VAL F 180 -4.79 13.02 -14.94
CA VAL F 180 -5.58 12.41 -13.88
C VAL F 180 -5.51 10.89 -13.96
N LEU F 181 -5.64 10.34 -15.17
CA LEU F 181 -5.62 8.89 -15.32
C LEU F 181 -4.29 8.31 -14.87
N ILE F 182 -3.18 8.97 -15.22
CA ILE F 182 -1.86 8.44 -14.87
C ILE F 182 -1.71 8.36 -13.36
N LEU F 183 -2.11 9.40 -12.65
CA LEU F 183 -2.01 9.40 -11.19
C LEU F 183 -2.96 8.41 -10.54
N ALA F 184 -3.94 7.88 -11.27
CA ALA F 184 -4.87 6.89 -10.75
C ALA F 184 -4.50 5.46 -11.13
N TYR F 185 -4.12 5.23 -12.38
CA TYR F 185 -3.78 3.89 -12.84
C TYR F 185 -2.50 3.36 -12.22
N PHE F 186 -1.71 4.21 -11.58
CA PHE F 186 -0.48 3.80 -10.91
C PHE F 186 -0.70 3.88 -9.41
N ARG F 187 -0.91 2.73 -8.77
CA ARG F 187 -1.06 2.70 -7.32
C ARG F 187 0.24 3.09 -6.64
N ARG F 188 1.37 3.01 -7.35
CA ARG F 188 2.63 3.49 -6.80
C ARG F 188 2.57 4.98 -6.50
N LEU F 189 1.94 5.76 -7.37
CA LEU F 189 1.84 7.21 -7.22
C LEU F 189 0.58 7.61 -6.46
N HIS F 190 0.37 7.01 -5.29
CA HIS F 190 -0.81 7.28 -4.47
C HIS F 190 -0.35 7.78 -3.11
N CYS F 191 -0.17 9.09 -3.01
CA CYS F 191 0.21 9.77 -1.79
C CYS F 191 -0.66 11.01 -1.62
N THR F 192 -0.56 11.65 -0.45
CA THR F 192 -1.33 12.86 -0.21
C THR F 192 -0.96 13.97 -1.17
N ARG F 193 0.21 13.89 -1.80
CA ARG F 193 0.59 14.88 -2.81
C ARG F 193 -0.18 14.64 -4.10
N ASN F 194 -0.11 13.42 -4.63
CA ASN F 194 -0.80 13.10 -5.89
C ASN F 194 -2.31 13.09 -5.74
N TYR F 195 -2.85 12.83 -4.54
CA TYR F 195 -4.27 12.97 -4.33
C TYR F 195 -4.70 14.43 -4.51
N ILE F 196 -3.94 15.36 -3.94
CA ILE F 196 -4.23 16.77 -4.09
C ILE F 196 -4.08 17.19 -5.56
N HIS F 197 -3.05 16.65 -6.23
CA HIS F 197 -2.89 16.91 -7.65
C HIS F 197 -4.08 16.38 -8.44
N MET F 198 -4.60 15.21 -8.05
CA MET F 198 -5.75 14.63 -8.75
C MET F 198 -6.96 15.56 -8.67
N HIS F 199 -7.24 16.09 -7.49
CA HIS F 199 -8.38 16.99 -7.34
C HIS F 199 -8.17 18.28 -8.11
N LEU F 200 -6.96 18.85 -8.06
CA LEU F 200 -6.66 20.05 -8.83
C LEU F 200 -6.85 19.79 -10.32
N PHE F 201 -6.34 18.66 -10.80
CA PHE F 201 -6.49 18.34 -12.21
C PHE F 201 -7.95 18.15 -12.59
N LEU F 202 -8.77 17.69 -11.65
CA LEU F 202 -10.20 17.56 -11.91
C LEU F 202 -10.90 18.91 -11.89
N SER F 203 -10.49 19.80 -10.98
CA SER F 203 -11.07 21.14 -10.95
C SER F 203 -10.76 21.90 -12.24
N PHE F 204 -9.56 21.75 -12.78
CA PHE F 204 -9.22 22.38 -14.04
C PHE F 204 -10.14 21.89 -15.17
N MET F 205 -10.36 20.58 -15.25
CA MET F 205 -11.19 20.04 -16.32
C MET F 205 -12.65 20.45 -16.17
N LEU F 206 -13.17 20.43 -14.95
CA LEU F 206 -14.56 20.83 -14.74
C LEU F 206 -14.76 22.30 -15.08
N ARG F 207 -13.80 23.15 -14.72
CA ARG F 207 -13.91 24.56 -15.07
C ARG F 207 -13.92 24.75 -16.58
N ALA F 208 -13.07 24.02 -17.29
CA ALA F 208 -13.08 24.11 -18.75
C ALA F 208 -14.40 23.64 -19.35
N VAL F 209 -14.91 22.51 -18.84
CA VAL F 209 -16.17 21.99 -19.35
C VAL F 209 -17.34 22.92 -19.04
N SER F 210 -17.30 23.58 -17.88
CA SER F 210 -18.37 24.51 -17.52
C SER F 210 -18.47 25.64 -18.53
N ILE F 211 -17.32 26.18 -18.96
CA ILE F 211 -17.32 27.27 -19.93
C ILE F 211 -17.95 26.81 -21.24
N PHE F 212 -17.62 25.60 -21.69
CA PHE F 212 -18.21 25.09 -22.92
C PHE F 212 -19.72 24.96 -22.81
N VAL F 213 -20.20 24.46 -21.67
CA VAL F 213 -21.64 24.28 -21.48
C VAL F 213 -22.33 25.63 -21.33
N LYS F 214 -21.74 26.54 -20.55
CA LYS F 214 -22.31 27.87 -20.41
C LYS F 214 -22.34 28.61 -21.74
N ASP F 215 -21.28 28.47 -22.54
CA ASP F 215 -21.26 29.10 -23.86
C ASP F 215 -22.33 28.51 -24.76
N ALA F 216 -22.53 27.19 -24.71
CA ALA F 216 -23.46 26.53 -25.61
C ALA F 216 -24.91 26.81 -25.26
N VAL F 217 -25.20 27.27 -24.06
CA VAL F 217 -26.56 27.54 -23.62
C VAL F 217 -26.88 29.03 -23.64
N LEU F 218 -26.02 29.86 -23.04
CA LEU F 218 -26.26 31.29 -23.04
C LEU F 218 -26.22 31.88 -24.44
N TYR F 219 -25.26 31.43 -25.26
CA TYR F 219 -25.00 32.01 -26.58
C TYR F 219 -25.12 30.90 -27.62
N SER F 220 -26.34 30.71 -28.13
CA SER F 220 -26.59 29.71 -29.16
C SER F 220 -28.09 29.60 -29.44
N TYR F 252 -35.10 31.42 -18.52
CA TYR F 252 -35.63 30.10 -18.14
C TYR F 252 -34.67 29.40 -17.18
N ALA F 253 -35.20 28.48 -16.39
CA ALA F 253 -34.38 27.73 -15.46
C ALA F 253 -33.37 26.83 -16.17
N GLY F 254 -33.61 26.52 -17.45
CA GLY F 254 -32.68 25.68 -18.18
C GLY F 254 -31.33 26.32 -18.39
N CYS F 255 -31.30 27.61 -18.70
CA CYS F 255 -30.05 28.33 -18.90
C CYS F 255 -29.47 28.90 -17.62
N ARG F 256 -30.24 28.93 -16.54
CA ARG F 256 -29.73 29.39 -15.25
C ARG F 256 -28.94 28.31 -14.51
N VAL F 257 -29.07 27.05 -14.92
CA VAL F 257 -28.24 25.99 -14.36
C VAL F 257 -26.84 26.02 -14.94
N ALA F 258 -26.72 26.32 -16.23
CA ALA F 258 -25.40 26.43 -16.86
C ALA F 258 -24.60 27.56 -16.23
N VAL F 259 -25.24 28.70 -15.95
CA VAL F 259 -24.55 29.81 -15.33
C VAL F 259 -24.15 29.47 -13.90
N THR F 260 -25.00 28.74 -13.18
CA THR F 260 -24.69 28.39 -11.80
C THR F 260 -23.52 27.41 -11.72
N PHE F 261 -23.47 26.42 -12.62
CA PHE F 261 -22.33 25.51 -12.65
C PHE F 261 -21.07 26.25 -13.08
N PHE F 262 -21.20 27.21 -13.99
CA PHE F 262 -20.04 27.98 -14.43
C PHE F 262 -19.41 28.73 -13.27
N LEU F 263 -20.22 29.42 -12.47
CA LEU F 263 -19.68 30.20 -11.36
C LEU F 263 -19.15 29.31 -10.25
N TYR F 264 -19.60 28.05 -10.20
CA TYR F 264 -19.13 27.15 -9.15
C TYR F 264 -17.85 26.42 -9.58
N PHE F 265 -17.89 25.74 -10.71
CA PHE F 265 -16.71 24.99 -11.16
C PHE F 265 -15.56 25.92 -11.48
N LEU F 266 -15.84 27.19 -11.78
CA LEU F 266 -14.77 28.17 -11.90
C LEU F 266 -14.18 28.48 -10.53
N ALA F 267 -15.04 28.72 -9.54
CA ALA F 267 -14.56 29.08 -8.21
C ALA F 267 -13.77 27.95 -7.58
N THR F 268 -14.14 26.69 -7.88
CA THR F 268 -13.41 25.56 -7.33
C THR F 268 -11.97 25.53 -7.84
N ASN F 269 -11.79 25.79 -9.14
CA ASN F 269 -10.45 25.75 -9.71
C ASN F 269 -9.54 26.79 -9.07
N TYR F 270 -10.06 28.00 -8.83
CA TYR F 270 -9.26 29.00 -8.13
C TYR F 270 -8.97 28.59 -6.71
N TYR F 271 -9.79 27.70 -6.13
CA TYR F 271 -9.61 27.27 -4.76
C TYR F 271 -8.79 26.00 -4.64
N TRP F 272 -8.78 25.15 -5.67
CA TRP F 272 -7.84 24.03 -5.68
C TRP F 272 -6.45 24.45 -6.12
N ILE F 273 -6.34 25.53 -6.89
CA ILE F 273 -5.03 26.15 -7.10
C ILE F 273 -4.49 26.66 -5.79
N LEU F 274 -5.36 27.20 -4.92
CA LEU F 274 -4.93 27.65 -3.61
C LEU F 274 -4.49 26.49 -2.74
N VAL F 275 -5.19 25.36 -2.82
CA VAL F 275 -4.83 24.21 -1.99
C VAL F 275 -3.45 23.67 -2.40
N GLU F 276 -3.14 23.69 -3.69
CA GLU F 276 -1.81 23.29 -4.14
C GLU F 276 -0.73 24.12 -3.44
N GLY F 277 -0.89 25.44 -3.44
CA GLY F 277 0.06 26.31 -2.79
C GLY F 277 0.08 26.14 -1.29
N LEU F 278 -1.09 25.99 -0.68
CA LEU F 278 -1.16 25.77 0.76
C LEU F 278 -0.53 24.45 1.15
N TYR F 279 -0.73 23.40 0.36
CA TYR F 279 -0.11 22.12 0.66
C TYR F 279 1.41 22.22 0.57
N LEU F 280 1.91 22.81 -0.52
CA LEU F 280 3.36 22.98 -0.66
C LEU F 280 3.91 23.91 0.40
N HIS F 281 3.13 24.91 0.80
CA HIS F 281 3.57 25.80 1.88
C HIS F 281 3.77 25.00 3.16
N SER F 282 2.76 24.24 3.57
CA SER F 282 2.88 23.43 4.77
C SER F 282 3.94 22.35 4.60
N LEU F 283 4.10 21.85 3.37
CA LEU F 283 5.10 20.84 3.06
C LEU F 283 6.53 21.37 3.11
N ILE F 284 6.69 22.68 3.29
CA ILE F 284 8.01 23.30 3.33
C ILE F 284 8.19 24.09 4.63
N PHE F 285 7.08 24.48 5.26
CA PHE F 285 7.13 25.35 6.42
C PHE F 285 6.59 24.70 7.69
N MET F 286 6.00 23.50 7.59
CA MET F 286 5.50 22.78 8.76
C MET F 286 6.39 21.56 8.96
N ALA F 287 6.92 21.39 10.16
CA ALA F 287 7.85 20.30 10.44
C ALA F 287 7.10 18.99 10.60
N PHE F 288 7.39 18.04 9.72
CA PHE F 288 6.74 16.73 9.73
C PHE F 288 5.25 16.85 10.02
N PHE F 289 4.57 17.68 9.23
CA PHE F 289 3.15 17.90 9.41
C PHE F 289 2.34 16.69 8.96
N SER F 290 1.23 16.44 9.65
CA SER F 290 0.34 15.34 9.29
C SER F 290 -0.20 15.58 7.88
N GLU F 291 -0.37 14.52 7.12
CA GLU F 291 -0.81 14.62 5.73
C GLU F 291 -2.19 14.03 5.50
N LYS F 292 -2.50 12.89 6.12
CA LYS F 292 -3.82 12.30 5.96
C LYS F 292 -4.92 13.16 6.59
N LYS F 293 -4.63 13.76 7.75
CA LYS F 293 -5.63 14.59 8.40
C LYS F 293 -6.00 15.80 7.55
N TYR F 294 -4.99 16.45 6.95
CA TYR F 294 -5.26 17.62 6.13
C TYR F 294 -5.95 17.28 4.82
N LEU F 295 -5.81 16.05 4.32
CA LEU F 295 -6.49 15.68 3.09
C LEU F 295 -8.00 15.79 3.22
N TRP F 296 -8.54 15.64 4.42
CA TRP F 296 -9.98 15.82 4.61
C TRP F 296 -10.38 17.28 4.45
N GLY F 297 -9.66 18.18 5.12
CA GLY F 297 -10.00 19.59 5.04
C GLY F 297 -9.84 20.15 3.63
N PHE F 298 -8.78 19.74 2.95
CA PHE F 298 -8.53 20.26 1.61
C PHE F 298 -9.64 19.87 0.64
N THR F 299 -10.15 18.65 0.75
CA THR F 299 -11.22 18.22 -0.15
C THR F 299 -12.55 18.89 0.18
N VAL F 300 -12.85 19.10 1.45
CA VAL F 300 -14.06 19.82 1.83
C VAL F 300 -13.93 21.29 1.47
N PHE F 301 -12.75 21.88 1.67
CA PHE F 301 -12.51 23.27 1.35
C PHE F 301 -12.41 23.52 -0.15
N GLY F 302 -11.93 22.54 -0.91
CA GLY F 302 -11.71 22.74 -2.34
C GLY F 302 -12.96 22.59 -3.17
N TRP F 303 -13.96 21.88 -2.64
CA TRP F 303 -15.24 21.69 -3.32
C TRP F 303 -16.42 22.29 -2.57
N GLY F 304 -16.36 22.35 -1.26
CA GLY F 304 -17.50 22.78 -0.47
C GLY F 304 -17.63 24.28 -0.34
N LEU F 305 -16.55 24.94 0.08
CA LEU F 305 -16.61 26.39 0.24
C LEU F 305 -17.03 27.10 -1.03
N PRO F 306 -16.55 26.72 -2.22
CA PRO F 306 -17.08 27.33 -3.45
C PRO F 306 -18.58 27.19 -3.58
N ALA F 307 -19.16 26.10 -3.08
CA ALA F 307 -20.61 25.93 -3.16
C ALA F 307 -21.33 26.90 -2.23
N VAL F 308 -20.68 27.32 -1.14
CA VAL F 308 -21.34 28.15 -0.13
C VAL F 308 -21.77 29.48 -0.74
N PHE F 309 -20.80 30.25 -1.24
CA PHE F 309 -21.15 31.57 -1.76
C PHE F 309 -21.69 31.51 -3.18
N VAL F 310 -21.63 30.36 -3.84
CA VAL F 310 -22.37 30.21 -5.09
C VAL F 310 -23.83 29.90 -4.80
N ALA F 311 -24.11 29.09 -3.78
CA ALA F 311 -25.49 28.87 -3.37
C ALA F 311 -26.11 30.15 -2.83
N VAL F 312 -25.29 31.05 -2.29
CA VAL F 312 -25.78 32.37 -1.91
C VAL F 312 -26.15 33.18 -3.15
N TRP F 313 -25.39 33.02 -4.22
CA TRP F 313 -25.71 33.73 -5.46
C TRP F 313 -27.05 33.29 -6.02
N VAL F 314 -27.32 31.98 -6.01
CA VAL F 314 -28.58 31.48 -6.54
C VAL F 314 -29.75 32.00 -5.71
N SER F 315 -29.61 32.06 -4.39
CA SER F 315 -30.69 32.53 -3.54
C SER F 315 -31.00 33.99 -3.80
N VAL F 316 -29.97 34.84 -3.89
CA VAL F 316 -30.19 36.27 -4.08
C VAL F 316 -30.72 36.55 -5.48
N ARG F 317 -30.18 35.87 -6.49
CA ARG F 317 -30.66 36.08 -7.85
C ARG F 317 -32.12 35.66 -7.99
N ALA F 318 -32.49 34.54 -7.36
CA ALA F 318 -33.85 34.03 -7.46
C ALA F 318 -34.85 34.84 -6.65
N THR F 319 -34.39 35.60 -5.66
CA THR F 319 -35.30 36.39 -4.82
C THR F 319 -35.35 37.86 -5.20
N LEU F 320 -34.26 38.43 -5.71
CA LEU F 320 -34.19 39.85 -5.99
C LEU F 320 -33.97 40.18 -7.45
N ALA F 321 -33.36 39.30 -8.24
CA ALA F 321 -33.05 39.61 -9.63
C ALA F 321 -33.35 38.45 -10.55
N ASN F 322 -34.51 37.80 -10.35
CA ASN F 322 -34.87 36.62 -11.14
C ASN F 322 -35.33 37.09 -12.52
N THR F 323 -34.36 37.28 -13.41
CA THR F 323 -34.64 37.73 -14.77
C THR F 323 -33.64 37.10 -15.72
N GLY F 324 -34.13 36.69 -16.89
CA GLY F 324 -33.26 36.12 -17.90
C GLY F 324 -32.58 34.86 -17.42
N CYS F 325 -31.34 34.66 -17.90
CA CYS F 325 -30.52 33.52 -17.53
C CYS F 325 -29.51 33.87 -16.44
N TRP F 326 -29.65 35.01 -15.78
CA TRP F 326 -28.73 35.46 -14.73
C TRP F 326 -27.33 35.72 -15.29
N ASP F 327 -27.20 35.86 -16.60
CA ASP F 327 -25.92 36.10 -17.24
C ASP F 327 -25.60 37.58 -17.39
N LEU F 328 -26.45 38.48 -16.88
CA LEU F 328 -26.24 39.91 -16.94
C LEU F 328 -26.01 40.43 -15.53
N SER F 329 -24.98 41.26 -15.37
CA SER F 329 -24.70 41.83 -14.05
C SER F 329 -25.92 42.57 -13.53
N SER F 330 -26.24 42.34 -12.26
CA SER F 330 -27.37 42.97 -11.60
C SER F 330 -26.90 43.96 -10.53
N GLY F 331 -25.89 44.74 -10.85
CA GLY F 331 -25.36 45.72 -9.92
C GLY F 331 -24.15 45.21 -9.17
N ASN F 332 -24.21 45.28 -7.84
CA ASN F 332 -23.11 44.82 -6.98
C ASN F 332 -23.29 43.36 -6.57
N LYS F 333 -24.12 42.60 -7.26
CA LYS F 333 -24.29 41.18 -6.96
C LYS F 333 -23.12 40.34 -7.44
N LYS F 334 -22.41 40.78 -8.48
CA LYS F 334 -21.30 39.98 -9.00
C LYS F 334 -20.21 39.79 -7.96
N TRP F 335 -20.07 40.73 -7.03
CA TRP F 335 -18.98 40.67 -6.07
C TRP F 335 -19.15 39.55 -5.05
N ILE F 336 -20.36 39.01 -4.89
CA ILE F 336 -20.55 37.88 -4.00
C ILE F 336 -19.83 36.64 -4.51
N ILE F 337 -19.59 36.56 -5.82
CA ILE F 337 -18.88 35.43 -6.40
C ILE F 337 -17.41 35.76 -6.64
N GLN F 338 -17.13 36.95 -7.15
CA GLN F 338 -15.77 37.33 -7.55
C GLN F 338 -14.86 37.63 -6.37
N VAL F 339 -15.37 38.32 -5.34
CA VAL F 339 -14.51 38.73 -4.24
C VAL F 339 -13.84 37.53 -3.58
N PRO F 340 -14.54 36.44 -3.24
CA PRO F 340 -13.82 35.26 -2.74
C PRO F 340 -12.81 34.70 -3.73
N ILE F 341 -13.10 34.77 -5.03
CA ILE F 341 -12.14 34.31 -6.02
C ILE F 341 -10.93 35.25 -6.07
N LEU F 342 -11.16 36.55 -5.94
CA LEU F 342 -10.05 37.49 -5.90
C LEU F 342 -9.20 37.33 -4.66
N ALA F 343 -9.80 36.91 -3.54
CA ALA F 343 -9.01 36.62 -2.34
C ALA F 343 -8.11 35.42 -2.57
N SER F 344 -8.59 34.43 -3.32
CA SER F 344 -7.77 33.25 -3.60
C SER F 344 -6.50 33.63 -4.35
N ILE F 345 -6.59 34.61 -5.25
CA ILE F 345 -5.43 35.01 -6.04
C ILE F 345 -4.40 35.72 -5.17
N VAL F 346 -4.85 36.63 -4.32
CA VAL F 346 -3.91 37.38 -3.47
C VAL F 346 -3.17 36.43 -2.54
N LEU F 347 -3.90 35.53 -1.90
CA LEU F 347 -3.28 34.63 -0.93
C LEU F 347 -2.27 33.71 -1.60
N ASN F 348 -2.59 33.21 -2.80
CA ASN F 348 -1.62 32.38 -3.52
C ASN F 348 -0.37 33.16 -3.88
N PHE F 349 -0.51 34.43 -4.26
CA PHE F 349 0.66 35.25 -4.54
C PHE F 349 1.52 35.40 -3.29
N ILE F 350 0.90 35.61 -2.14
CA ILE F 350 1.65 35.75 -0.89
C ILE F 350 2.47 34.49 -0.62
N LEU F 351 1.87 33.32 -0.83
CA LEU F 351 2.59 32.07 -0.64
C LEU F 351 3.70 31.90 -1.66
N PHE F 352 3.48 32.37 -2.89
CA PHE F 352 4.49 32.23 -3.93
C PHE F 352 5.76 32.96 -3.57
N ILE F 353 5.65 34.17 -3.02
CA ILE F 353 6.82 34.95 -2.67
C ILE F 353 7.63 34.25 -1.59
N ASN F 354 6.94 33.69 -0.58
CA ASN F 354 7.65 33.00 0.49
C ASN F 354 8.46 31.83 -0.05
N ILE F 355 7.84 31.00 -0.90
CA ILE F 355 8.54 29.83 -1.43
C ILE F 355 9.74 30.26 -2.26
N VAL F 356 9.55 31.25 -3.14
CA VAL F 356 10.66 31.76 -3.94
C VAL F 356 11.70 32.42 -3.03
N ARG F 357 11.26 33.16 -2.02
CA ARG F 357 12.20 33.81 -1.11
C ARG F 357 13.09 32.79 -0.42
N VAL F 358 12.50 31.75 0.17
CA VAL F 358 13.28 30.74 0.87
C VAL F 358 14.20 30.01 -0.09
N LEU F 359 13.70 29.64 -1.26
CA LEU F 359 14.53 28.98 -2.25
C LEU F 359 15.74 29.83 -2.64
N ALA F 360 15.63 31.14 -2.53
CA ALA F 360 16.75 32.03 -2.77
C ALA F 360 17.74 32.03 -1.60
N THR F 361 17.24 31.86 -0.38
CA THR F 361 18.13 31.74 0.76
C THR F 361 18.97 30.48 0.67
N LYS F 362 18.35 29.36 0.29
CA LYS F 362 19.05 28.08 0.27
C LYS F 362 20.16 28.09 -0.78
N LEU F 363 19.86 28.57 -1.99
CA LEU F 363 20.86 28.60 -3.06
C LEU F 363 22.01 29.54 -2.74
N ARG F 364 21.81 30.49 -1.81
CA ARG F 364 22.88 31.41 -1.43
C ARG F 364 23.72 30.86 -0.28
N GLU F 365 23.10 30.17 0.66
CA GLU F 365 23.80 29.58 1.79
C GLU F 365 24.25 28.15 1.53
N THR F 366 24.41 27.75 0.28
CA THR F 366 24.84 26.40 -0.05
C THR F 366 26.20 26.10 0.57
N THR F 373 27.52 35.25 -9.76
CA THR F 373 27.38 33.81 -9.97
C THR F 373 26.14 33.48 -10.80
N ARG F 374 26.28 33.56 -12.12
CA ARG F 374 25.16 33.27 -13.00
C ARG F 374 24.67 31.83 -12.83
N GLN F 375 25.56 30.93 -12.42
CA GLN F 375 25.18 29.54 -12.24
C GLN F 375 24.18 29.38 -11.09
N GLN F 376 24.14 30.36 -10.19
CA GLN F 376 23.16 30.32 -9.10
C GLN F 376 21.85 30.99 -9.52
N TYR F 377 21.94 32.06 -10.31
CA TYR F 377 20.74 32.76 -10.76
C TYR F 377 19.91 31.93 -11.74
N ARG F 378 20.55 31.07 -12.53
CA ARG F 378 19.80 30.20 -13.41
C ARG F 378 18.92 29.23 -12.63
N LYS F 379 19.42 28.72 -11.51
CA LYS F 379 18.65 27.78 -10.71
C LYS F 379 17.43 28.45 -10.10
N LEU F 380 17.62 29.62 -9.48
CA LEU F 380 16.48 30.33 -8.91
C LEU F 380 15.48 30.71 -9.98
N LEU F 381 15.96 31.09 -11.16
CA LEU F 381 15.04 31.40 -12.26
C LEU F 381 14.23 30.17 -12.65
N LYS F 382 14.88 29.01 -12.76
CA LYS F 382 14.16 27.79 -13.13
C LYS F 382 13.12 27.43 -12.07
N SER F 383 13.48 27.54 -10.79
CA SER F 383 12.53 27.20 -9.73
C SER F 383 11.34 28.14 -9.78
N THR F 384 11.58 29.44 -9.97
CA THR F 384 10.50 30.41 -9.99
C THR F 384 9.55 30.17 -11.16
N LEU F 385 10.09 29.89 -12.34
CA LEU F 385 9.24 29.74 -13.52
C LEU F 385 8.37 28.50 -13.44
N VAL F 386 8.93 27.35 -13.05
CA VAL F 386 8.17 26.12 -12.95
C VAL F 386 7.15 26.16 -11.81
N LEU F 387 7.37 27.01 -10.82
CA LEU F 387 6.48 27.12 -9.67
C LEU F 387 5.40 28.17 -9.86
N MET F 388 5.42 28.89 -10.98
CA MET F 388 4.47 29.97 -11.23
C MET F 388 3.13 29.43 -11.72
N PRO F 389 3.11 28.53 -12.71
CA PRO F 389 1.82 27.99 -13.18
C PRO F 389 1.00 27.36 -12.07
N LEU F 390 1.64 26.64 -11.14
CA LEU F 390 0.89 26.00 -10.07
C LEU F 390 0.20 27.02 -9.18
N PHE F 391 0.87 28.14 -8.92
CA PHE F 391 0.36 29.13 -7.99
C PHE F 391 -0.54 30.17 -8.66
N GLY F 392 -0.68 30.13 -9.98
CA GLY F 392 -1.48 31.13 -10.67
C GLY F 392 -0.95 32.53 -10.45
N VAL F 393 0.37 32.70 -10.61
CA VAL F 393 0.99 33.98 -10.33
C VAL F 393 0.52 35.05 -11.32
N HIS F 394 0.20 34.66 -12.56
CA HIS F 394 -0.22 35.63 -13.56
C HIS F 394 -1.52 36.33 -13.17
N TYR F 395 -2.33 35.72 -12.31
CA TYR F 395 -3.60 36.31 -11.94
C TYR F 395 -3.45 37.62 -11.19
N ILE F 396 -2.30 37.86 -10.55
CA ILE F 396 -2.13 39.04 -9.72
C ILE F 396 -2.06 40.33 -10.53
N VAL F 397 -1.72 40.26 -11.81
CA VAL F 397 -1.51 41.48 -12.59
C VAL F 397 -2.80 42.27 -12.72
N PHE F 398 -3.89 41.60 -13.09
CA PHE F 398 -5.16 42.25 -13.39
C PHE F 398 -6.26 41.87 -12.40
N MET F 399 -5.90 41.39 -11.21
CA MET F 399 -6.92 41.04 -10.22
C MET F 399 -7.73 42.23 -9.77
N ALA F 400 -7.12 43.42 -9.71
CA ALA F 400 -7.80 44.61 -9.21
C ALA F 400 -8.36 45.48 -10.31
N THR F 401 -8.32 45.03 -11.56
CA THR F 401 -8.82 45.83 -12.66
C THR F 401 -10.33 46.01 -12.53
N PRO F 402 -10.83 47.26 -12.46
CA PRO F 402 -12.29 47.46 -12.40
C PRO F 402 -12.97 47.11 -13.71
N TYR F 403 -14.27 47.33 -13.78
CA TYR F 403 -15.03 47.15 -15.01
C TYR F 403 -14.84 48.37 -15.88
N THR F 404 -14.16 48.21 -17.02
CA THR F 404 -13.75 49.30 -17.88
C THR F 404 -14.38 49.15 -19.26
N GLU F 405 -14.31 50.23 -20.04
CA GLU F 405 -14.94 50.25 -21.35
C GLU F 405 -14.32 49.20 -22.26
N VAL F 406 -15.17 48.54 -23.05
CA VAL F 406 -14.70 47.47 -23.92
C VAL F 406 -13.76 48.01 -24.99
N SER F 407 -14.00 49.23 -25.47
CA SER F 407 -13.13 49.82 -26.48
C SER F 407 -11.85 50.38 -25.88
N GLY F 408 -11.77 50.46 -24.55
CA GLY F 408 -10.59 51.04 -23.93
C GLY F 408 -9.35 50.18 -24.11
N THR F 409 -8.20 50.80 -23.85
CA THR F 409 -6.93 50.09 -23.97
C THR F 409 -6.72 49.12 -22.83
N LEU F 410 -7.08 49.53 -21.60
CA LEU F 410 -6.90 48.66 -20.44
C LEU F 410 -7.72 47.38 -20.59
N TRP F 411 -8.96 47.51 -21.06
CA TRP F 411 -9.79 46.34 -21.27
C TRP F 411 -9.19 45.40 -22.30
N GLN F 412 -8.67 45.94 -23.39
CA GLN F 412 -8.09 45.10 -24.44
C GLN F 412 -6.90 44.30 -23.92
N VAL F 413 -6.02 44.96 -23.15
CA VAL F 413 -4.85 44.27 -22.63
C VAL F 413 -5.26 43.19 -21.63
N GLN F 414 -6.24 43.50 -20.78
CA GLN F 414 -6.68 42.57 -19.75
C GLN F 414 -7.20 41.26 -20.38
N MET F 415 -8.12 41.39 -21.32
CA MET F 415 -8.79 40.19 -21.85
C MET F 415 -7.84 39.36 -22.70
N HIS F 416 -7.08 39.99 -23.58
CA HIS F 416 -6.13 39.24 -24.39
C HIS F 416 -5.05 38.61 -23.52
N TYR F 417 -4.73 39.22 -22.39
CA TYR F 417 -3.76 38.64 -21.47
C TYR F 417 -4.37 37.47 -20.69
N GLU F 418 -5.49 37.71 -20.01
CA GLU F 418 -6.05 36.72 -19.11
C GLU F 418 -6.66 35.54 -19.88
N MET F 419 -7.33 35.82 -20.99
CA MET F 419 -7.92 34.73 -21.76
C MET F 419 -6.87 33.80 -22.35
N LEU F 420 -5.61 34.24 -22.44
CA LEU F 420 -4.53 33.40 -22.93
C LEU F 420 -3.85 32.61 -21.83
N PHE F 421 -3.67 33.19 -20.64
CA PHE F 421 -2.93 32.52 -19.57
C PHE F 421 -3.85 31.82 -18.58
N ASN F 422 -5.13 32.20 -18.50
CA ASN F 422 -6.08 31.42 -17.72
C ASN F 422 -6.43 30.12 -18.41
N SER F 423 -6.56 30.16 -19.74
CA SER F 423 -6.96 28.98 -20.49
C SER F 423 -5.81 28.00 -20.67
N PHE F 424 -4.57 28.49 -20.74
CA PHE F 424 -3.40 27.64 -20.93
C PHE F 424 -2.75 27.20 -19.63
N GLN F 425 -3.28 27.63 -18.48
CA GLN F 425 -2.67 27.25 -17.21
C GLN F 425 -2.70 25.75 -17.00
N GLY F 426 -3.82 25.09 -17.34
CA GLY F 426 -3.90 23.66 -17.15
C GLY F 426 -2.84 22.91 -17.93
N PHE F 427 -2.51 23.41 -19.13
CA PHE F 427 -1.45 22.80 -19.91
C PHE F 427 -0.13 22.81 -19.16
N PHE F 428 0.21 23.93 -18.54
CA PHE F 428 1.50 24.05 -17.86
C PHE F 428 1.52 23.20 -16.59
N VAL F 429 0.43 23.21 -15.83
CA VAL F 429 0.38 22.42 -14.60
C VAL F 429 0.45 20.93 -14.90
N ALA F 430 -0.18 20.50 -16.00
CA ALA F 430 -0.20 19.09 -16.35
C ALA F 430 1.16 18.57 -16.80
N ILE F 431 2.06 19.45 -17.22
CA ILE F 431 3.38 19.06 -17.70
C ILE F 431 4.43 19.18 -16.61
N ILE F 432 4.45 20.30 -15.90
CA ILE F 432 5.50 20.55 -14.93
C ILE F 432 5.40 19.59 -13.76
N TYR F 433 4.18 19.25 -13.35
CA TYR F 433 3.97 18.52 -12.10
C TYR F 433 3.58 17.06 -12.32
N CYS F 434 3.02 16.71 -13.48
CA CYS F 434 2.72 15.30 -13.73
C CYS F 434 3.75 14.69 -14.67
N PHE F 435 3.90 15.23 -15.88
CA PHE F 435 4.79 14.65 -16.87
C PHE F 435 6.27 14.92 -16.61
N CYS F 436 6.58 15.95 -15.82
CA CYS F 436 7.96 16.27 -15.47
C CYS F 436 8.34 15.77 -14.09
N ASN F 437 7.43 15.08 -13.40
CA ASN F 437 7.74 14.48 -12.11
C ASN F 437 8.61 13.24 -12.32
N GLY F 438 9.69 13.14 -11.54
CA GLY F 438 10.59 12.00 -11.71
C GLY F 438 9.93 10.67 -11.43
N GLU F 439 9.13 10.60 -10.37
CA GLU F 439 8.45 9.35 -10.04
C GLU F 439 7.45 8.96 -11.13
N VAL F 440 6.74 9.94 -11.70
CA VAL F 440 5.79 9.64 -12.76
C VAL F 440 6.50 9.05 -13.97
N GLN F 441 7.63 9.65 -14.36
CA GLN F 441 8.36 9.15 -15.53
C GLN F 441 8.89 7.74 -15.31
N ALA F 442 9.37 7.45 -14.10
CA ALA F 442 9.86 6.10 -13.81
C ALA F 442 8.75 5.07 -13.98
N GLU F 443 7.54 5.41 -13.52
CA GLU F 443 6.42 4.49 -13.67
C GLU F 443 6.10 4.25 -15.14
N ILE F 444 6.14 5.30 -15.97
CA ILE F 444 5.93 5.12 -17.39
C ILE F 444 7.01 4.23 -17.97
N LYS F 445 8.27 4.46 -17.61
CA LYS F 445 9.35 3.62 -18.11
C LYS F 445 9.24 2.19 -17.56
N LYS F 446 8.94 2.04 -16.28
CA LYS F 446 8.75 0.71 -15.72
C LYS F 446 7.55 0.02 -16.37
N SER F 447 6.46 0.75 -16.58
CA SER F 447 5.32 0.19 -17.29
C SER F 447 5.69 -0.18 -18.72
N TRP F 448 6.44 0.68 -19.41
CA TRP F 448 6.88 0.38 -20.76
C TRP F 448 7.79 -0.85 -20.79
N SER F 449 8.70 -0.96 -19.80
CA SER F 449 9.55 -2.14 -19.73
C SER F 449 8.72 -3.41 -19.53
N ARG F 450 7.70 -3.34 -18.67
CA ARG F 450 6.83 -4.49 -18.48
C ARG F 450 6.13 -4.86 -19.79
N TRP F 451 5.61 -3.86 -20.50
CA TRP F 451 5.03 -4.12 -21.82
C TRP F 451 6.10 -4.55 -22.81
N THR F 452 7.32 -4.00 -22.69
CA THR F 452 8.41 -4.46 -23.52
C THR F 452 8.74 -5.92 -23.26
N LEU F 453 8.76 -6.32 -21.98
CA LEU F 453 8.97 -7.72 -21.66
C LEU F 453 7.85 -8.59 -22.21
N ALA F 454 6.62 -8.06 -22.28
CA ALA F 454 5.55 -8.78 -22.93
C ALA F 454 5.84 -8.99 -24.41
N LEU F 455 6.40 -7.97 -25.07
CA LEU F 455 6.80 -8.11 -26.46
C LEU F 455 7.97 -9.08 -26.61
N ASP F 456 8.70 -9.37 -25.53
CA ASP F 456 9.83 -10.29 -25.61
C ASP F 456 9.39 -11.74 -25.79
N PHE F 457 8.09 -12.02 -25.69
CA PHE F 457 7.58 -13.38 -25.85
C PHE F 457 8.08 -14.02 -27.15
#